data_3TA0
#
_entry.id   3TA0
#
_cell.length_a   123.751
_cell.length_b   93.626
_cell.length_c   88.644
_cell.angle_alpha   90.00
_cell.angle_beta   133.55
_cell.angle_gamma   90.00
#
_symmetry.space_group_name_H-M   'C 1 2 1'
#
loop_
_entity.id
_entity.type
_entity.pdbx_description
1 polymer 'Nitrogen regulatory protein P-II (GlnB-3)'
2 non-polymer "ADENOSINE-5'-TRIPHOSPHATE"
3 water water
#
_entity_poly.entity_id   1
_entity_poly.type   'polypeptide(L)'
_entity_poly.pdbx_seq_one_letter_code
;MKMVVAVIRPEKLECVKKALEERGFVGMTVTEVKGRGEQKGIRLQFRGREVEVDLLQKTKVEVVVSDDAVDEVVEAIVSS
ARTGKFGDGRIFVIPVEKSVKIRTGDEEVAAAHHHHHH
;
_entity_poly.pdbx_strand_id   A,B,C,D,E,F
#
loop_
_chem_comp.id
_chem_comp.type
_chem_comp.name
_chem_comp.formula
ATP non-polymer ADENOSINE-5'-TRIPHOSPHATE 'C10 H16 N5 O13 P3'
#
# COMPACT_ATOMS: atom_id res chain seq x y z
N MET A 1 -7.84 -14.34 -15.14
CA MET A 1 -6.59 -14.99 -14.76
C MET A 1 -5.57 -13.97 -14.34
N LYS A 2 -4.69 -14.38 -13.43
CA LYS A 2 -3.65 -13.49 -12.96
C LYS A 2 -2.36 -14.23 -12.84
N MET A 3 -1.25 -13.52 -13.00
CA MET A 3 0.09 -14.06 -12.78
C MET A 3 0.58 -13.46 -11.47
N VAL A 4 0.87 -14.34 -10.51
CA VAL A 4 1.40 -14.00 -9.20
C VAL A 4 2.91 -14.16 -9.35
N VAL A 5 3.65 -13.05 -9.21
CA VAL A 5 5.10 -12.97 -9.38
C VAL A 5 5.71 -12.68 -8.04
N ALA A 6 6.41 -13.67 -7.47
CA ALA A 6 7.05 -13.44 -6.18
C ALA A 6 8.56 -13.45 -6.33
N VAL A 7 9.21 -12.50 -5.66
CA VAL A 7 10.68 -12.41 -5.63
C VAL A 7 11.04 -12.72 -4.17
N ILE A 8 11.68 -13.87 -3.96
CA ILE A 8 11.99 -14.38 -2.61
C ILE A 8 13.48 -14.67 -2.40
N ARG A 9 13.85 -14.96 -1.13
CA ARG A 9 15.20 -15.39 -0.76
C ARG A 9 15.41 -16.77 -1.41
N PRO A 10 16.56 -17.05 -2.05
CA PRO A 10 16.73 -18.37 -2.71
C PRO A 10 16.49 -19.59 -1.81
N GLU A 11 16.90 -19.52 -0.52
CA GLU A 11 16.72 -20.59 0.47
C GLU A 11 15.25 -20.91 0.80
N LYS A 12 14.31 -20.03 0.41
CA LYS A 12 12.89 -20.20 0.67
C LYS A 12 12.11 -20.90 -0.46
N LEU A 13 12.77 -21.24 -1.59
CA LEU A 13 12.14 -21.88 -2.72
C LEU A 13 11.38 -23.17 -2.35
N GLU A 14 12.04 -24.08 -1.61
CA GLU A 14 11.46 -25.35 -1.18
C GLU A 14 10.21 -25.18 -0.32
N CYS A 15 10.21 -24.18 0.58
CA CYS A 15 9.07 -23.85 1.46
C CYS A 15 7.89 -23.41 0.61
N VAL A 16 8.13 -22.43 -0.30
CA VAL A 16 7.13 -21.86 -1.21
C VAL A 16 6.54 -22.97 -2.10
N LYS A 17 7.40 -23.83 -2.70
CA LYS A 17 6.97 -24.94 -3.55
C LYS A 17 6.02 -25.88 -2.83
N LYS A 18 6.35 -26.22 -1.55
CA LYS A 18 5.55 -27.12 -0.72
C LYS A 18 4.26 -26.49 -0.28
N ALA A 19 4.31 -25.22 0.17
CA ALA A 19 3.11 -24.48 0.59
C ALA A 19 2.12 -24.36 -0.58
N LEU A 20 2.65 -24.28 -1.82
CA LEU A 20 1.81 -24.18 -3.02
C LEU A 20 1.21 -25.53 -3.37
N GLU A 21 2.06 -26.58 -3.40
CA GLU A 21 1.68 -27.97 -3.70
C GLU A 21 0.56 -28.45 -2.78
N GLU A 22 0.70 -28.19 -1.45
CA GLU A 22 -0.27 -28.55 -0.42
C GLU A 22 -1.66 -27.99 -0.72
N ARG A 23 -1.74 -26.76 -1.27
CA ARG A 23 -2.99 -26.08 -1.59
C ARG A 23 -3.53 -26.39 -3.00
N GLY A 24 -2.84 -27.28 -3.72
CA GLY A 24 -3.25 -27.72 -5.04
C GLY A 24 -2.64 -26.96 -6.21
N PHE A 25 -1.66 -26.08 -5.94
CA PHE A 25 -0.99 -25.26 -6.95
C PHE A 25 0.35 -25.87 -7.33
N VAL A 26 0.36 -26.73 -8.35
CA VAL A 26 1.51 -27.50 -8.83
C VAL A 26 2.29 -26.87 -9.99
N GLY A 27 1.62 -26.03 -10.78
CA GLY A 27 2.25 -25.33 -11.89
C GLY A 27 3.00 -24.08 -11.46
N MET A 28 4.27 -23.95 -11.90
CA MET A 28 5.10 -22.77 -11.61
C MET A 28 6.30 -22.66 -12.52
N THR A 29 6.78 -21.43 -12.71
CA THR A 29 7.98 -21.11 -13.49
C THR A 29 8.93 -20.36 -12.53
N VAL A 30 10.17 -20.82 -12.44
CA VAL A 30 11.19 -20.28 -11.53
C VAL A 30 12.35 -19.74 -12.32
N THR A 31 12.81 -18.54 -11.94
CA THR A 31 13.95 -17.85 -12.57
C THR A 31 14.94 -17.38 -11.52
N GLU A 32 16.24 -17.53 -11.81
CA GLU A 32 17.30 -17.05 -10.93
C GLU A 32 17.53 -15.58 -11.30
N VAL A 33 17.35 -14.69 -10.33
CA VAL A 33 17.50 -13.26 -10.55
C VAL A 33 18.47 -12.62 -9.54
N LYS A 34 18.69 -11.30 -9.67
CA LYS A 34 19.45 -10.47 -8.73
C LYS A 34 18.60 -9.24 -8.43
N GLY A 35 18.80 -8.65 -7.28
CA GLY A 35 18.04 -7.46 -6.93
C GLY A 35 18.47 -6.73 -5.68
N ARG A 36 17.76 -5.62 -5.41
CA ARG A 36 17.91 -4.78 -4.24
C ARG A 36 16.59 -4.08 -3.91
N GLY A 37 16.49 -3.60 -2.67
CA GLY A 37 15.36 -2.83 -2.15
C GLY A 37 15.91 -1.60 -1.45
N GLU A 38 15.32 -1.18 -0.33
CA GLU A 38 15.87 -0.08 0.48
C GLU A 38 16.78 -0.73 1.57
N GLN A 39 17.85 -1.42 1.10
CA GLN A 39 18.82 -2.15 1.93
C GLN A 39 20.25 -1.67 1.69
N VAL A 53 28.82 -3.55 -4.02
CA VAL A 53 27.93 -4.57 -4.56
C VAL A 53 26.56 -4.65 -3.84
N ASP A 54 25.56 -3.96 -4.42
CA ASP A 54 24.19 -3.88 -3.92
C ASP A 54 23.27 -5.03 -4.37
N LEU A 55 23.44 -5.51 -5.61
CA LEU A 55 22.59 -6.54 -6.21
C LEU A 55 22.90 -7.93 -5.67
N LEU A 56 21.96 -8.49 -4.91
CA LEU A 56 22.09 -9.81 -4.28
C LEU A 56 21.21 -10.84 -4.98
N GLN A 57 21.61 -12.11 -4.90
CA GLN A 57 20.91 -13.24 -5.50
C GLN A 57 19.51 -13.44 -4.91
N LYS A 58 18.51 -13.51 -5.81
CA LYS A 58 17.12 -13.74 -5.43
C LYS A 58 16.51 -14.78 -6.33
N THR A 59 15.30 -15.22 -6.01
CA THR A 59 14.57 -16.20 -6.80
C THR A 59 13.21 -15.66 -7.14
N LYS A 60 12.85 -15.76 -8.42
CA LYS A 60 11.56 -15.33 -8.94
C LYS A 60 10.68 -16.54 -9.22
N VAL A 61 9.48 -16.53 -8.64
CA VAL A 61 8.50 -17.62 -8.79
C VAL A 61 7.25 -17.01 -9.42
N GLU A 62 6.86 -17.51 -10.61
CA GLU A 62 5.66 -17.06 -11.31
C GLU A 62 4.61 -18.19 -11.32
N VAL A 63 3.39 -17.89 -10.85
CA VAL A 63 2.28 -18.83 -10.86
C VAL A 63 1.05 -18.17 -11.47
N VAL A 64 0.55 -18.76 -12.56
CA VAL A 64 -0.65 -18.28 -13.25
C VAL A 64 -1.85 -19.05 -12.69
N VAL A 65 -2.79 -18.33 -12.09
CA VAL A 65 -3.99 -18.87 -11.46
C VAL A 65 -5.23 -18.08 -11.87
N SER A 66 -6.41 -18.60 -11.56
CA SER A 66 -7.68 -17.91 -11.82
C SER A 66 -7.82 -16.81 -10.75
N ASP A 67 -8.62 -15.77 -11.04
CA ASP A 67 -8.85 -14.62 -10.17
C ASP A 67 -9.17 -14.94 -8.71
N ASP A 68 -10.07 -15.87 -8.46
CA ASP A 68 -10.51 -16.24 -7.10
C ASP A 68 -9.44 -16.93 -6.24
N ALA A 69 -8.41 -17.55 -6.87
CA ALA A 69 -7.33 -18.26 -6.18
C ALA A 69 -6.16 -17.37 -5.77
N VAL A 70 -6.11 -16.12 -6.28
CA VAL A 70 -5.04 -15.13 -6.04
C VAL A 70 -4.68 -14.93 -4.56
N ASP A 71 -5.69 -14.58 -3.72
CA ASP A 71 -5.50 -14.33 -2.29
C ASP A 71 -4.94 -15.54 -1.56
N GLU A 72 -5.39 -16.75 -1.91
CA GLU A 72 -4.91 -18.00 -1.32
C GLU A 72 -3.43 -18.23 -1.69
N VAL A 73 -3.05 -18.01 -2.98
CA VAL A 73 -1.69 -18.14 -3.49
C VAL A 73 -0.75 -17.12 -2.81
N VAL A 74 -1.18 -15.86 -2.70
CA VAL A 74 -0.44 -14.77 -2.02
C VAL A 74 -0.18 -15.13 -0.52
N GLU A 75 -1.23 -15.57 0.21
CA GLU A 75 -1.18 -16.00 1.63
C GLU A 75 -0.23 -17.22 1.81
N ALA A 76 -0.21 -18.14 0.83
CA ALA A 76 0.67 -19.31 0.84
C ALA A 76 2.14 -18.87 0.73
N ILE A 77 2.43 -17.91 -0.17
CA ILE A 77 3.79 -17.39 -0.41
C ILE A 77 4.26 -16.56 0.77
N VAL A 78 3.42 -15.61 1.26
CA VAL A 78 3.74 -14.74 2.40
C VAL A 78 4.16 -15.58 3.63
N SER A 79 3.35 -16.57 4.02
CA SER A 79 3.61 -17.42 5.18
C SER A 79 4.84 -18.30 5.06
N SER A 80 5.10 -18.87 3.86
CA SER A 80 6.25 -19.73 3.63
C SER A 80 7.57 -19.01 3.30
N ALA A 81 7.52 -17.76 2.79
CA ALA A 81 8.72 -17.00 2.42
C ALA A 81 9.24 -16.01 3.46
N ARG A 82 8.39 -15.56 4.39
CA ARG A 82 8.77 -14.58 5.41
C ARG A 82 9.75 -15.10 6.47
N THR A 83 10.57 -14.18 6.98
CA THR A 83 11.56 -14.40 8.04
C THR A 83 11.41 -13.31 9.12
N GLY A 84 10.84 -12.17 8.73
CA GLY A 84 10.67 -11.02 9.60
C GLY A 84 11.77 -9.97 9.41
N LYS A 85 12.86 -10.37 8.73
CA LYS A 85 14.01 -9.51 8.43
C LYS A 85 13.84 -8.81 7.08
N PHE A 86 14.54 -7.67 6.88
CA PHE A 86 14.55 -6.89 5.64
C PHE A 86 15.17 -7.73 4.52
N GLY A 87 14.52 -7.73 3.35
CA GLY A 87 14.97 -8.50 2.18
C GLY A 87 14.14 -9.74 1.92
N ASP A 88 12.97 -9.85 2.60
CA ASP A 88 12.04 -10.98 2.44
C ASP A 88 11.44 -11.09 1.05
N GLY A 89 11.30 -9.95 0.37
CA GLY A 89 10.79 -9.91 -0.99
C GLY A 89 9.43 -9.28 -1.17
N ARG A 90 8.95 -9.37 -2.41
CA ARG A 90 7.71 -8.77 -2.89
C ARG A 90 6.92 -9.74 -3.74
N ILE A 91 5.62 -9.53 -3.80
CA ILE A 91 4.69 -10.27 -4.64
C ILE A 91 3.98 -9.24 -5.52
N PHE A 92 4.03 -9.44 -6.84
CA PHE A 92 3.34 -8.58 -7.80
C PHE A 92 2.27 -9.38 -8.53
N VAL A 93 1.06 -8.83 -8.61
CA VAL A 93 -0.07 -9.51 -9.29
C VAL A 93 -0.33 -8.79 -10.62
N ILE A 94 -0.15 -9.53 -11.74
CA ILE A 94 -0.29 -9.02 -13.10
C ILE A 94 -1.49 -9.70 -13.83
N PRO A 95 -2.34 -8.95 -14.58
CA PRO A 95 -3.44 -9.62 -15.30
C PRO A 95 -2.96 -10.48 -16.47
N VAL A 96 -3.64 -11.63 -16.69
CA VAL A 96 -3.37 -12.56 -17.79
C VAL A 96 -4.68 -12.68 -18.59
N GLU A 97 -4.67 -12.22 -19.83
CA GLU A 97 -5.87 -12.24 -20.69
C GLU A 97 -6.13 -13.59 -21.35
N LYS A 98 -5.07 -14.31 -21.72
CA LYS A 98 -5.17 -15.60 -22.40
C LYS A 98 -4.08 -16.54 -21.91
N SER A 99 -4.42 -17.82 -21.76
CA SER A 99 -3.52 -18.90 -21.37
C SER A 99 -3.71 -20.06 -22.38
N VAL A 100 -2.66 -20.43 -23.10
CA VAL A 100 -2.74 -21.47 -24.14
C VAL A 100 -1.89 -22.68 -23.80
N LYS A 101 -2.47 -23.89 -23.93
CA LYS A 101 -1.74 -25.15 -23.72
C LYS A 101 -1.16 -25.53 -25.09
N ILE A 102 0.17 -25.55 -25.22
CA ILE A 102 0.85 -25.86 -26.49
C ILE A 102 0.45 -27.24 -27.07
N ARG A 103 0.45 -28.27 -26.21
CA ARG A 103 0.11 -29.66 -26.55
C ARG A 103 -1.22 -29.80 -27.30
N THR A 104 -2.29 -29.18 -26.75
CA THR A 104 -3.64 -29.29 -27.30
C THR A 104 -4.13 -28.10 -28.11
N GLY A 105 -3.51 -26.95 -27.95
CA GLY A 105 -3.93 -25.74 -28.62
C GLY A 105 -5.14 -25.12 -27.96
N ASP A 106 -5.56 -25.66 -26.80
CA ASP A 106 -6.72 -25.11 -26.10
C ASP A 106 -6.37 -23.84 -25.34
N GLU A 107 -7.22 -22.84 -25.48
CA GLU A 107 -7.03 -21.51 -24.95
C GLU A 107 -8.03 -21.20 -23.82
N GLU A 108 -7.50 -20.75 -22.68
CA GLU A 108 -8.29 -20.32 -21.53
C GLU A 108 -8.36 -18.79 -21.56
N VAL A 109 -9.57 -18.24 -21.62
CA VAL A 109 -9.85 -16.80 -21.67
C VAL A 109 -10.73 -16.42 -20.49
N ALA A 110 -10.46 -15.24 -19.89
CA ALA A 110 -11.17 -14.65 -18.75
C ALA A 110 -12.65 -14.34 -19.04
N MET B 1 -0.40 0.79 -9.79
CA MET B 1 1.01 0.35 -9.90
C MET B 1 1.25 -0.14 -11.30
N LYS B 2 2.50 0.00 -11.78
CA LYS B 2 2.93 -0.50 -13.07
C LYS B 2 4.29 -1.13 -12.91
N MET B 3 4.60 -2.11 -13.77
CA MET B 3 5.91 -2.70 -13.82
C MET B 3 6.57 -2.21 -15.07
N VAL B 4 7.70 -1.52 -14.89
CA VAL B 4 8.54 -1.00 -15.95
C VAL B 4 9.59 -2.10 -16.22
N VAL B 5 9.57 -2.67 -17.42
CA VAL B 5 10.47 -3.75 -17.83
C VAL B 5 11.38 -3.22 -18.91
N ALA B 6 12.67 -3.03 -18.60
CA ALA B 6 13.63 -2.55 -19.60
C ALA B 6 14.62 -3.65 -19.98
N VAL B 7 14.84 -3.81 -21.28
CA VAL B 7 15.81 -4.77 -21.82
C VAL B 7 16.94 -3.90 -22.39
N ILE B 8 18.10 -3.90 -21.73
CA ILE B 8 19.24 -3.02 -22.08
C ILE B 8 20.51 -3.78 -22.40
N ARG B 9 21.53 -3.04 -22.88
CA ARG B 9 22.88 -3.58 -23.12
C ARG B 9 23.46 -3.91 -21.73
N PRO B 10 24.10 -5.08 -21.55
CA PRO B 10 24.63 -5.41 -20.21
C PRO B 10 25.57 -4.35 -19.59
N GLU B 11 26.42 -3.70 -20.42
CA GLU B 11 27.36 -2.66 -19.97
C GLU B 11 26.69 -1.38 -19.42
N LYS B 12 25.37 -1.23 -19.66
CA LYS B 12 24.62 -0.05 -19.22
C LYS B 12 23.95 -0.20 -17.85
N LEU B 13 24.08 -1.40 -17.23
CA LEU B 13 23.45 -1.69 -15.94
C LEU B 13 23.80 -0.67 -14.84
N GLU B 14 25.10 -0.35 -14.69
CA GLU B 14 25.59 0.60 -13.69
C GLU B 14 25.03 2.01 -13.88
N CYS B 15 24.90 2.47 -15.14
CA CYS B 15 24.32 3.77 -15.48
C CYS B 15 22.86 3.83 -15.04
N VAL B 16 22.07 2.81 -15.46
CA VAL B 16 20.64 2.68 -15.19
C VAL B 16 20.41 2.62 -13.68
N LYS B 17 21.19 1.75 -12.98
CA LYS B 17 21.13 1.57 -11.53
C LYS B 17 21.30 2.93 -10.85
N LYS B 18 22.36 3.68 -11.22
CA LYS B 18 22.65 5.00 -10.64
C LYS B 18 21.56 6.04 -10.94
N ALA B 19 21.11 6.14 -12.20
CA ALA B 19 20.05 7.07 -12.63
C ALA B 19 18.74 6.83 -11.88
N LEU B 20 18.41 5.57 -11.58
CA LEU B 20 17.18 5.23 -10.85
C LEU B 20 17.31 5.57 -9.36
N GLU B 21 18.46 5.20 -8.77
CA GLU B 21 18.82 5.43 -7.36
C GLU B 21 18.75 6.94 -7.01
N GLU B 22 19.33 7.80 -7.88
CA GLU B 22 19.34 9.26 -7.74
C GLU B 22 17.94 9.83 -7.61
N ARG B 23 16.98 9.27 -8.38
CA ARG B 23 15.58 9.72 -8.40
C ARG B 23 14.69 9.10 -7.33
N GLY B 24 15.29 8.27 -6.47
CA GLY B 24 14.61 7.63 -5.35
C GLY B 24 14.06 6.25 -5.64
N PHE B 25 14.39 5.67 -6.82
CA PHE B 25 13.91 4.34 -7.22
C PHE B 25 15.01 3.32 -6.96
N VAL B 26 15.04 2.83 -5.72
CA VAL B 26 16.06 1.87 -5.25
C VAL B 26 15.72 0.41 -5.50
N GLY B 27 14.44 0.06 -5.40
CA GLY B 27 13.99 -1.32 -5.63
C GLY B 27 14.00 -1.74 -7.09
N MET B 28 14.67 -2.87 -7.39
CA MET B 28 14.75 -3.41 -8.76
C MET B 28 15.11 -4.87 -8.76
N THR B 29 14.69 -5.58 -9.81
CA THR B 29 15.00 -6.99 -10.03
C THR B 29 15.67 -7.06 -11.41
N VAL B 30 16.83 -7.72 -11.46
CA VAL B 30 17.66 -7.84 -12.67
C VAL B 30 17.77 -9.30 -13.08
N THR B 31 17.63 -9.56 -14.38
CA THR B 31 17.72 -10.90 -14.96
C THR B 31 18.64 -10.87 -16.16
N GLU B 32 19.48 -11.90 -16.29
CA GLU B 32 20.37 -12.06 -17.42
C GLU B 32 19.58 -12.78 -18.50
N VAL B 33 19.43 -12.13 -19.65
CA VAL B 33 18.64 -12.69 -20.76
C VAL B 33 19.43 -12.68 -22.08
N LYS B 34 18.80 -13.14 -23.15
CA LYS B 34 19.32 -13.12 -24.51
C LYS B 34 18.23 -12.56 -25.41
N GLY B 35 18.61 -12.02 -26.55
CA GLY B 35 17.62 -11.50 -27.48
C GLY B 35 18.12 -11.03 -28.83
N ARG B 36 17.16 -10.56 -29.63
CA ARG B 36 17.38 -9.96 -30.95
C ARG B 36 16.25 -8.98 -31.26
N GLY B 37 16.51 -8.12 -32.24
CA GLY B 37 15.57 -7.13 -32.76
C GLY B 37 15.67 -7.14 -34.27
N GLU B 38 15.61 -5.95 -34.89
CA GLU B 38 15.71 -5.77 -36.34
C GLU B 38 17.11 -6.08 -36.87
N ASP B 54 22.48 -15.61 -33.57
CA ASP B 54 22.19 -14.17 -33.56
C ASP B 54 21.43 -13.67 -32.31
N LEU B 55 21.34 -14.50 -31.25
CA LEU B 55 20.73 -14.17 -29.97
C LEU B 55 21.87 -13.67 -29.08
N LEU B 56 21.86 -12.37 -28.78
CA LEU B 56 22.93 -11.72 -28.01
C LEU B 56 22.53 -11.46 -26.56
N GLN B 57 23.54 -11.44 -25.67
CA GLN B 57 23.38 -11.20 -24.24
C GLN B 57 22.81 -9.82 -23.94
N LYS B 58 21.74 -9.79 -23.14
CA LYS B 58 21.08 -8.55 -22.74
C LYS B 58 20.79 -8.60 -21.27
N THR B 59 20.36 -7.47 -20.70
CA THR B 59 20.04 -7.37 -19.27
C THR B 59 18.61 -6.84 -19.10
N LYS B 60 17.80 -7.59 -18.36
CA LYS B 60 16.43 -7.19 -18.07
C LYS B 60 16.36 -6.56 -16.69
N VAL B 61 15.81 -5.36 -16.61
CA VAL B 61 15.64 -4.61 -15.37
C VAL B 61 14.14 -4.39 -15.17
N GLU B 62 13.59 -4.87 -14.04
CA GLU B 62 12.18 -4.71 -13.71
C GLU B 62 12.06 -3.81 -12.49
N VAL B 63 11.23 -2.76 -12.58
CA VAL B 63 10.99 -1.85 -11.46
C VAL B 63 9.47 -1.61 -11.34
N VAL B 64 8.92 -1.95 -10.21
CA VAL B 64 7.50 -1.75 -9.93
C VAL B 64 7.36 -0.41 -9.21
N VAL B 65 6.59 0.50 -9.82
CA VAL B 65 6.36 1.86 -9.31
C VAL B 65 4.89 2.22 -9.38
N SER B 66 4.51 3.32 -8.71
CA SER B 66 3.14 3.85 -8.77
C SER B 66 2.94 4.49 -10.15
N ASP B 67 1.69 4.58 -10.61
CA ASP B 67 1.30 5.12 -11.93
C ASP B 67 1.95 6.44 -12.32
N ASP B 68 1.94 7.43 -11.42
CA ASP B 68 2.48 8.77 -11.67
C ASP B 68 4.01 8.84 -11.83
N ALA B 69 4.75 7.85 -11.30
CA ALA B 69 6.21 7.79 -11.39
C ALA B 69 6.73 7.13 -12.68
N VAL B 70 5.84 6.49 -13.46
CA VAL B 70 6.17 5.77 -14.71
C VAL B 70 7.02 6.58 -15.70
N ASP B 71 6.53 7.77 -16.10
CA ASP B 71 7.20 8.66 -17.06
C ASP B 71 8.60 9.06 -16.62
N GLU B 72 8.77 9.35 -15.30
CA GLU B 72 10.06 9.71 -14.69
C GLU B 72 11.03 8.52 -14.78
N VAL B 73 10.57 7.29 -14.44
CA VAL B 73 11.35 6.05 -14.49
C VAL B 73 11.79 5.74 -15.93
N VAL B 74 10.86 5.84 -16.89
CA VAL B 74 11.10 5.60 -18.32
C VAL B 74 12.17 6.56 -18.85
N GLU B 75 12.03 7.87 -18.53
CA GLU B 75 12.96 8.93 -18.93
C GLU B 75 14.35 8.68 -18.34
N ALA B 76 14.42 8.25 -17.05
CA ALA B 76 15.67 7.92 -16.37
C ALA B 76 16.42 6.79 -17.11
N ILE B 77 15.68 5.71 -17.47
CA ILE B 77 16.24 4.56 -18.18
C ILE B 77 16.69 4.94 -19.57
N VAL B 78 15.81 5.64 -20.34
CA VAL B 78 16.11 6.10 -21.71
C VAL B 78 17.44 6.91 -21.75
N SER B 79 17.55 7.93 -20.88
CA SER B 79 18.74 8.78 -20.84
C SER B 79 20.04 8.05 -20.43
N SER B 80 19.95 7.12 -19.47
CA SER B 80 21.12 6.37 -19.01
C SER B 80 21.49 5.14 -19.84
N ALA B 81 20.55 4.56 -20.61
CA ALA B 81 20.79 3.35 -21.41
C ALA B 81 21.09 3.56 -22.90
N ARG B 82 20.69 4.70 -23.45
CA ARG B 82 20.89 5.01 -24.87
C ARG B 82 22.34 5.24 -25.29
N THR B 83 22.64 4.89 -26.55
CA THR B 83 23.94 5.08 -27.22
C THR B 83 23.71 5.73 -28.59
N GLY B 84 22.50 5.59 -29.13
CA GLY B 84 22.11 6.10 -30.44
C GLY B 84 22.20 5.04 -31.53
N LYS B 85 22.89 3.93 -31.23
CA LYS B 85 23.09 2.80 -32.14
C LYS B 85 21.97 1.75 -31.97
N PHE B 86 21.76 0.93 -33.02
CA PHE B 86 20.79 -0.17 -33.03
C PHE B 86 21.18 -1.22 -31.98
N GLY B 87 20.20 -1.67 -31.21
CA GLY B 87 20.40 -2.65 -30.14
C GLY B 87 20.34 -2.04 -28.74
N ASP B 88 19.91 -0.76 -28.62
CA ASP B 88 19.80 -0.03 -27.35
C ASP B 88 18.78 -0.65 -26.39
N GLY B 89 17.76 -1.28 -26.95
CA GLY B 89 16.73 -1.96 -26.19
C GLY B 89 15.36 -1.33 -26.19
N ARG B 90 14.49 -1.92 -25.36
CA ARG B 90 13.09 -1.54 -25.24
C ARG B 90 12.68 -1.46 -23.79
N ILE B 91 11.64 -0.67 -23.53
CA ILE B 91 11.01 -0.55 -22.22
C ILE B 91 9.53 -0.90 -22.39
N PHE B 92 9.04 -1.86 -21.62
CA PHE B 92 7.64 -2.28 -21.65
C PHE B 92 6.97 -1.96 -20.32
N VAL B 93 5.82 -1.31 -20.37
CA VAL B 93 5.06 -0.94 -19.16
C VAL B 93 3.84 -1.89 -19.04
N ILE B 94 3.80 -2.67 -17.95
CA ILE B 94 2.79 -3.68 -17.67
C ILE B 94 1.97 -3.29 -16.43
N PRO B 95 0.62 -3.46 -16.43
CA PRO B 95 -0.16 -3.12 -15.22
C PRO B 95 0.08 -4.12 -14.07
N VAL B 96 0.08 -3.62 -12.83
CA VAL B 96 0.26 -4.37 -11.60
C VAL B 96 -0.97 -4.02 -10.74
N GLU B 97 -1.82 -5.00 -10.47
CA GLU B 97 -3.04 -4.77 -9.69
C GLU B 97 -2.80 -4.71 -8.17
N LYS B 98 -1.85 -5.50 -7.67
CA LYS B 98 -1.50 -5.60 -6.26
C LYS B 98 -0.02 -5.83 -6.09
N SER B 99 0.56 -5.18 -5.09
CA SER B 99 1.98 -5.31 -4.71
C SER B 99 2.03 -5.65 -3.21
N VAL B 100 2.57 -6.83 -2.87
CA VAL B 100 2.58 -7.29 -1.48
C VAL B 100 4.01 -7.38 -0.94
N LYS B 101 4.24 -6.82 0.27
CA LYS B 101 5.52 -6.88 0.97
C LYS B 101 5.47 -8.17 1.81
N ILE B 102 6.32 -9.16 1.47
CA ILE B 102 6.38 -10.46 2.18
C ILE B 102 6.61 -10.30 3.70
N ARG B 103 7.58 -9.45 4.10
CA ARG B 103 7.96 -9.19 5.49
C ARG B 103 6.77 -8.80 6.39
N THR B 104 5.93 -7.86 5.94
CA THR B 104 4.81 -7.32 6.71
C THR B 104 3.42 -7.86 6.31
N GLY B 105 3.33 -8.36 5.10
CA GLY B 105 2.06 -8.78 4.54
C GLY B 105 1.21 -7.63 4.03
N ASP B 106 1.76 -6.42 4.01
CA ASP B 106 1.05 -5.24 3.55
C ASP B 106 0.90 -5.18 2.02
N GLU B 107 -0.29 -4.82 1.59
CA GLU B 107 -0.67 -4.82 0.20
C GLU B 107 -0.83 -3.40 -0.28
N GLU B 108 -0.17 -3.08 -1.37
CA GLU B 108 -0.31 -1.82 -2.09
C GLU B 108 -1.22 -2.07 -3.31
N VAL B 109 -2.34 -1.35 -3.38
CA VAL B 109 -3.36 -1.43 -4.44
C VAL B 109 -3.62 0.03 -4.92
N ALA B 110 -4.13 0.24 -6.13
CA ALA B 110 -4.50 1.59 -6.57
C ALA B 110 -5.90 1.89 -6.01
N ALA B 111 -6.12 3.07 -5.36
CA ALA B 111 -7.45 3.40 -4.86
C ALA B 111 -8.39 3.67 -6.07
N ALA B 112 -9.51 2.92 -6.13
CA ALA B 112 -10.53 2.95 -7.19
C ALA B 112 -9.96 2.58 -8.56
N MET C 1 -1.02 -3.01 -26.94
CA MET C 1 -0.08 -4.08 -27.26
C MET C 1 -0.18 -5.23 -26.24
N LYS C 2 0.44 -6.35 -26.57
CA LYS C 2 0.43 -7.49 -25.68
C LYS C 2 1.79 -8.13 -25.64
N MET C 3 2.10 -8.77 -24.49
CA MET C 3 3.33 -9.55 -24.36
C MET C 3 2.90 -11.02 -24.37
N VAL C 4 3.42 -11.75 -25.35
CA VAL C 4 3.19 -13.17 -25.52
C VAL C 4 4.39 -13.85 -24.81
N VAL C 5 4.10 -14.60 -23.74
CA VAL C 5 5.11 -15.28 -22.91
C VAL C 5 4.91 -16.78 -23.09
N ALA C 6 5.84 -17.45 -23.76
CA ALA C 6 5.79 -18.88 -24.01
C ALA C 6 6.89 -19.63 -23.22
N VAL C 7 6.50 -20.66 -22.49
CA VAL C 7 7.43 -21.50 -21.72
C VAL C 7 7.48 -22.82 -22.48
N ILE C 8 8.64 -23.09 -23.10
CA ILE C 8 8.83 -24.26 -23.99
C ILE C 8 9.95 -25.19 -23.57
N ARG C 9 10.05 -26.34 -24.23
CA ARG C 9 11.15 -27.30 -24.05
C ARG C 9 12.41 -26.61 -24.59
N PRO C 10 13.56 -26.66 -23.88
CA PRO C 10 14.77 -25.96 -24.39
C PRO C 10 15.18 -26.35 -25.83
N GLU C 11 15.01 -27.63 -26.21
CA GLU C 11 15.35 -28.14 -27.56
C GLU C 11 14.50 -27.56 -28.69
N LYS C 12 13.37 -26.90 -28.35
CA LYS C 12 12.47 -26.30 -29.33
C LYS C 12 12.73 -24.82 -29.65
N LEU C 13 13.73 -24.21 -28.97
CA LEU C 13 14.08 -22.81 -29.17
C LEU C 13 14.34 -22.43 -30.62
N GLU C 14 15.17 -23.23 -31.32
CA GLU C 14 15.51 -22.98 -32.72
C GLU C 14 14.31 -23.01 -33.66
N CYS C 15 13.37 -23.95 -33.42
CA CYS C 15 12.14 -24.07 -34.20
C CYS C 15 11.29 -22.81 -34.03
N VAL C 16 11.04 -22.43 -32.75
CA VAL C 16 10.23 -21.26 -32.37
C VAL C 16 10.82 -19.99 -32.96
N LYS C 17 12.15 -19.80 -32.77
CA LYS C 17 12.91 -18.66 -33.30
C LYS C 17 12.68 -18.53 -34.82
N LYS C 18 12.93 -19.63 -35.58
CA LYS C 18 12.77 -19.73 -37.02
C LYS C 18 11.33 -19.48 -37.46
N ALA C 19 10.35 -20.07 -36.74
CA ALA C 19 8.91 -19.89 -37.04
C ALA C 19 8.47 -18.44 -36.92
N LEU C 20 8.90 -17.74 -35.85
CA LEU C 20 8.55 -16.33 -35.59
C LEU C 20 9.17 -15.39 -36.62
N GLU C 21 10.45 -15.63 -36.95
CA GLU C 21 11.24 -14.89 -37.93
C GLU C 21 10.56 -14.91 -39.31
N GLU C 22 10.10 -16.11 -39.76
CA GLU C 22 9.39 -16.32 -41.04
C GLU C 22 8.16 -15.42 -41.18
N ARG C 23 7.43 -15.22 -40.07
CA ARG C 23 6.21 -14.41 -40.02
C ARG C 23 6.45 -12.92 -39.77
N GLY C 24 7.72 -12.53 -39.69
CA GLY C 24 8.12 -11.14 -39.51
C GLY C 24 8.31 -10.70 -38.08
N PHE C 25 8.27 -11.66 -37.12
CA PHE C 25 8.44 -11.36 -35.71
C PHE C 25 9.88 -11.67 -35.31
N VAL C 26 10.74 -10.66 -35.50
CA VAL C 26 12.18 -10.75 -35.25
C VAL C 26 12.59 -10.40 -33.81
N GLY C 27 11.88 -9.45 -33.18
CA GLY C 27 12.15 -9.04 -31.80
C GLY C 27 11.69 -10.05 -30.77
N MET C 28 12.60 -10.49 -29.88
CA MET C 28 12.29 -11.45 -28.81
C MET C 28 13.32 -11.41 -27.69
N THR C 29 12.89 -11.77 -26.49
CA THR C 29 13.71 -11.87 -25.29
C THR C 29 13.57 -13.31 -24.79
N VAL C 30 14.71 -13.97 -24.54
CA VAL C 30 14.78 -15.36 -24.13
C VAL C 30 15.42 -15.47 -22.77
N THR C 31 14.82 -16.28 -21.89
CA THR C 31 15.31 -16.49 -20.52
C THR C 31 15.36 -17.98 -20.23
N GLU C 32 16.43 -18.41 -19.53
CA GLU C 32 16.57 -19.80 -19.10
C GLU C 32 15.85 -19.90 -17.76
N VAL C 33 14.85 -20.78 -17.68
CA VAL C 33 14.05 -20.95 -16.48
C VAL C 33 13.97 -22.42 -16.06
N LYS C 34 13.28 -22.67 -14.96
CA LYS C 34 12.95 -23.99 -14.45
C LYS C 34 11.47 -24.02 -14.15
N GLY C 35 10.86 -25.19 -14.21
CA GLY C 35 9.44 -25.31 -13.93
C GLY C 35 8.91 -26.69 -13.67
N ARG C 36 7.63 -26.75 -13.29
CA ARG C 36 6.87 -27.97 -13.07
C ARG C 36 5.39 -27.70 -13.31
N GLY C 37 4.60 -28.77 -13.38
CA GLY C 37 3.16 -28.71 -13.56
C GLY C 37 2.47 -30.01 -13.20
N GLU C 38 3.20 -31.15 -13.29
CA GLU C 38 2.69 -32.51 -13.04
C GLU C 38 3.81 -33.41 -12.51
N VAL C 53 14.38 -34.72 -8.48
CA VAL C 53 14.59 -33.73 -9.54
C VAL C 53 13.65 -32.52 -9.41
N ASP C 54 12.34 -32.76 -9.20
CA ASP C 54 11.27 -31.76 -9.04
C ASP C 54 11.15 -30.76 -10.23
N LEU C 55 11.97 -29.68 -10.23
CA LEU C 55 11.96 -28.63 -11.24
C LEU C 55 12.83 -28.98 -12.42
N LEU C 56 12.27 -28.85 -13.63
CA LEU C 56 12.99 -29.17 -14.87
C LEU C 56 13.29 -27.95 -15.71
N GLN C 57 14.41 -28.00 -16.44
CA GLN C 57 14.87 -26.92 -17.30
C GLN C 57 13.90 -26.61 -18.43
N LYS C 58 13.53 -25.33 -18.55
CA LYS C 58 12.62 -24.86 -19.57
C LYS C 58 13.18 -23.58 -20.17
N THR C 59 12.58 -23.12 -21.26
CA THR C 59 12.98 -21.88 -21.93
C THR C 59 11.79 -20.95 -22.06
N LYS C 60 11.98 -19.70 -21.64
CA LYS C 60 10.94 -18.68 -21.73
C LYS C 60 11.24 -17.74 -22.90
N VAL C 61 10.26 -17.56 -23.78
CA VAL C 61 10.34 -16.68 -24.95
C VAL C 61 9.28 -15.62 -24.79
N GLU C 62 9.70 -14.34 -24.74
CA GLU C 62 8.80 -13.20 -24.63
C GLU C 62 8.81 -12.38 -25.91
N VAL C 63 7.63 -12.13 -26.51
CA VAL C 63 7.50 -11.31 -27.70
C VAL C 63 6.39 -10.28 -27.53
N VAL C 64 6.74 -8.99 -27.61
CA VAL C 64 5.79 -7.90 -27.49
C VAL C 64 5.34 -7.53 -28.89
N VAL C 65 4.02 -7.65 -29.13
CA VAL C 65 3.38 -7.37 -30.43
C VAL C 65 2.13 -6.51 -30.25
N SER C 66 1.58 -6.01 -31.38
CA SER C 66 0.31 -5.27 -31.41
C SER C 66 -0.81 -6.30 -31.24
N ASP C 67 -1.98 -5.86 -30.71
CA ASP C 67 -3.15 -6.70 -30.44
C ASP C 67 -3.56 -7.67 -31.53
N ASP C 68 -3.63 -7.21 -32.79
CA ASP C 68 -4.05 -8.02 -33.93
C ASP C 68 -3.09 -9.13 -34.35
N ALA C 69 -1.80 -9.01 -33.98
CA ALA C 69 -0.77 -10.00 -34.31
C ALA C 69 -0.67 -11.17 -33.30
N VAL C 70 -1.34 -11.05 -32.13
CA VAL C 70 -1.33 -12.03 -31.03
C VAL C 70 -1.63 -13.47 -31.47
N ASP C 71 -2.79 -13.69 -32.14
CA ASP C 71 -3.23 -15.00 -32.62
C ASP C 71 -2.22 -15.65 -33.56
N GLU C 72 -1.63 -14.85 -34.46
CA GLU C 72 -0.63 -15.31 -35.43
C GLU C 72 0.66 -15.76 -34.69
N VAL C 73 1.11 -14.97 -33.68
CA VAL C 73 2.28 -15.27 -32.86
C VAL C 73 2.07 -16.57 -32.06
N VAL C 74 0.89 -16.70 -31.40
CA VAL C 74 0.50 -17.88 -30.63
C VAL C 74 0.50 -19.15 -31.52
N GLU C 75 -0.11 -19.06 -32.72
CA GLU C 75 -0.18 -20.15 -33.69
C GLU C 75 1.23 -20.56 -34.16
N ALA C 76 2.12 -19.58 -34.39
CA ALA C 76 3.51 -19.81 -34.79
C ALA C 76 4.26 -20.61 -33.73
N ILE C 77 4.08 -20.24 -32.44
CA ILE C 77 4.73 -20.92 -31.30
C ILE C 77 4.14 -22.32 -31.10
N VAL C 78 2.79 -22.45 -31.08
CA VAL C 78 2.10 -23.73 -30.91
C VAL C 78 2.60 -24.77 -31.92
N SER C 79 2.58 -24.42 -33.22
CA SER C 79 3.00 -25.32 -34.30
C SER C 79 4.47 -25.73 -34.25
N SER C 80 5.38 -24.79 -33.90
CA SER C 80 6.81 -25.08 -33.84
C SER C 80 7.31 -25.71 -32.53
N ALA C 81 6.59 -25.51 -31.40
CA ALA C 81 6.99 -26.03 -30.10
C ALA C 81 6.37 -27.37 -29.71
N ARG C 82 5.25 -27.75 -30.37
CA ARG C 82 4.48 -28.98 -30.14
C ARG C 82 5.26 -30.29 -30.45
N THR C 83 5.06 -31.34 -29.62
CA THR C 83 5.62 -32.70 -29.78
C THR C 83 4.47 -33.73 -29.64
N GLY C 84 3.40 -33.33 -28.98
CA GLY C 84 2.24 -34.16 -28.69
C GLY C 84 2.30 -34.79 -27.31
N LYS C 85 3.48 -34.77 -26.68
CA LYS C 85 3.72 -35.31 -25.33
C LYS C 85 3.48 -34.22 -24.25
N PHE C 86 3.19 -34.67 -23.01
CA PHE C 86 2.99 -33.81 -21.85
C PHE C 86 4.30 -33.07 -21.52
N GLY C 87 4.19 -31.78 -21.26
CA GLY C 87 5.34 -30.92 -20.97
C GLY C 87 5.75 -30.01 -22.11
N ASP C 88 4.88 -29.90 -23.15
CA ASP C 88 5.09 -29.05 -24.33
C ASP C 88 5.15 -27.56 -24.01
N GLY C 89 4.43 -27.16 -22.97
CA GLY C 89 4.47 -25.79 -22.52
C GLY C 89 3.19 -25.03 -22.57
N ARG C 90 3.27 -23.81 -22.04
CA ARG C 90 2.16 -22.87 -21.93
C ARG C 90 2.53 -21.55 -22.57
N ILE C 91 1.52 -20.82 -23.03
CA ILE C 91 1.66 -19.47 -23.56
C ILE C 91 0.75 -18.58 -22.72
N PHE C 92 1.29 -17.49 -22.16
CA PHE C 92 0.51 -16.52 -21.39
C PHE C 92 0.52 -15.17 -22.11
N VAL C 93 -0.66 -14.57 -22.30
CA VAL C 93 -0.80 -13.28 -22.97
C VAL C 93 -1.08 -12.20 -21.89
N ILE C 94 -0.15 -11.21 -21.79
CA ILE C 94 -0.20 -10.15 -20.81
C ILE C 94 -0.40 -8.77 -21.49
N PRO C 95 -1.25 -7.86 -20.96
CA PRO C 95 -1.37 -6.52 -21.57
C PRO C 95 -0.12 -5.66 -21.36
N VAL C 96 0.23 -4.88 -22.39
CA VAL C 96 1.37 -3.94 -22.38
C VAL C 96 0.78 -2.55 -22.67
N GLU C 97 0.82 -1.66 -21.67
CA GLU C 97 0.25 -0.32 -21.82
C GLU C 97 1.14 0.67 -22.58
N LYS C 98 2.47 0.53 -22.46
CA LYS C 98 3.46 1.39 -23.13
C LYS C 98 4.66 0.59 -23.56
N SER C 99 5.14 0.88 -24.77
CA SER C 99 6.32 0.24 -25.36
C SER C 99 7.29 1.36 -25.81
N VAL C 100 8.50 1.42 -25.24
CA VAL C 100 9.45 2.50 -25.54
C VAL C 100 10.68 1.98 -26.27
N LYS C 101 11.09 2.67 -27.35
CA LYS C 101 12.30 2.37 -28.10
C LYS C 101 13.41 3.27 -27.48
N ILE C 102 14.40 2.66 -26.76
CA ILE C 102 15.49 3.38 -26.06
C ILE C 102 16.28 4.35 -26.96
N ARG C 103 16.63 3.88 -28.16
CA ARG C 103 17.39 4.59 -29.19
C ARG C 103 16.80 5.96 -29.54
N THR C 104 15.47 6.02 -29.79
CA THR C 104 14.78 7.25 -30.22
C THR C 104 13.98 7.95 -29.13
N GLY C 105 13.64 7.22 -28.07
CA GLY C 105 12.80 7.76 -26.99
C GLY C 105 11.33 7.75 -27.37
N ASP C 106 11.00 7.17 -28.54
CA ASP C 106 9.61 7.11 -29.01
C ASP C 106 8.84 6.02 -28.28
N GLU C 107 7.68 6.42 -27.81
CA GLU C 107 6.78 5.60 -27.01
C GLU C 107 5.51 5.22 -27.80
N GLU C 108 5.21 3.91 -27.84
CA GLU C 108 4.02 3.34 -28.46
C GLU C 108 3.00 3.10 -27.35
N VAL C 109 1.82 3.72 -27.46
CA VAL C 109 0.72 3.64 -26.48
C VAL C 109 -0.54 3.07 -27.16
N ALA C 110 -1.30 2.27 -26.40
CA ALA C 110 -2.54 1.62 -26.82
C ALA C 110 -3.68 2.64 -27.04
N ALA C 111 -4.69 2.25 -27.85
CA ALA C 111 -5.86 3.06 -28.24
C ALA C 111 -6.75 3.61 -27.10
N ALA C 112 -7.74 4.47 -27.49
CA ALA C 112 -8.76 5.16 -26.67
C ALA C 112 -8.28 6.45 -25.95
N HIS C 113 -8.63 6.62 -24.65
CA HIS C 113 -8.30 7.75 -23.76
C HIS C 113 -9.01 9.04 -24.16
N MET D 1 -18.17 -0.53 11.05
CA MET D 1 -17.94 0.89 10.89
C MET D 1 -16.46 1.21 10.83
N LYS D 2 -16.14 2.31 10.17
CA LYS D 2 -14.78 2.79 10.07
C LYS D 2 -14.79 4.30 10.16
N MET D 3 -13.69 4.86 10.65
CA MET D 3 -13.50 6.30 10.68
C MET D 3 -12.45 6.60 9.63
N VAL D 4 -12.86 7.42 8.64
CA VAL D 4 -12.01 7.88 7.54
C VAL D 4 -11.45 9.23 8.02
N VAL D 5 -10.12 9.29 8.20
CA VAL D 5 -9.41 10.47 8.68
C VAL D 5 -8.56 11.01 7.55
N ALA D 6 -8.93 12.16 7.01
CA ALA D 6 -8.16 12.78 5.93
C ALA D 6 -7.48 14.06 6.43
N VAL D 7 -6.21 14.22 6.07
CA VAL D 7 -5.42 15.43 6.39
C VAL D 7 -5.18 16.09 5.03
N ILE D 8 -5.83 17.23 4.81
CA ILE D 8 -5.81 17.94 3.51
C ILE D 8 -5.28 19.37 3.60
N ARG D 9 -5.07 20.00 2.43
CA ARG D 9 -4.71 21.41 2.31
C ARG D 9 -5.95 22.21 2.80
N PRO D 10 -5.78 23.25 3.64
CA PRO D 10 -6.98 23.98 4.12
C PRO D 10 -7.91 24.52 3.02
N GLU D 11 -7.35 24.99 1.86
CA GLU D 11 -8.12 25.51 0.72
C GLU D 11 -9.01 24.45 0.02
N LYS D 12 -8.79 23.16 0.32
CA LYS D 12 -9.55 22.07 -0.28
C LYS D 12 -10.78 21.63 0.53
N LEU D 13 -11.00 22.24 1.72
CA LEU D 13 -12.13 21.91 2.59
C LEU D 13 -13.49 21.96 1.90
N GLU D 14 -13.77 23.06 1.19
CA GLU D 14 -15.03 23.24 0.45
C GLU D 14 -15.26 22.19 -0.63
N CYS D 15 -14.21 21.78 -1.36
CA CYS D 15 -14.28 20.74 -2.42
C CYS D 15 -14.58 19.38 -1.82
N VAL D 16 -13.94 19.06 -0.69
CA VAL D 16 -14.12 17.79 0.03
C VAL D 16 -15.54 17.75 0.61
N LYS D 17 -15.96 18.83 1.28
CA LYS D 17 -17.29 18.97 1.89
C LYS D 17 -18.37 18.72 0.83
N LYS D 18 -18.25 19.38 -0.36
CA LYS D 18 -19.18 19.22 -1.49
C LYS D 18 -19.16 17.82 -2.13
N ALA D 19 -17.98 17.23 -2.38
CA ALA D 19 -17.90 15.87 -2.97
C ALA D 19 -18.51 14.83 -2.03
N LEU D 20 -18.37 15.03 -0.69
CA LEU D 20 -18.95 14.10 0.27
C LEU D 20 -20.47 14.26 0.34
N GLU D 21 -20.99 15.51 0.37
CA GLU D 21 -22.45 15.72 0.43
C GLU D 21 -23.19 15.27 -0.82
N GLU D 22 -22.54 15.40 -2.03
CA GLU D 22 -23.11 14.92 -3.30
C GLU D 22 -23.38 13.42 -3.23
N ARG D 23 -22.47 12.65 -2.55
CA ARG D 23 -22.56 11.21 -2.41
C ARG D 23 -23.41 10.74 -1.22
N GLY D 24 -23.98 11.69 -0.47
CA GLY D 24 -24.85 11.43 0.66
C GLY D 24 -24.19 11.40 2.02
N PHE D 25 -22.89 11.78 2.08
CA PHE D 25 -22.11 11.80 3.32
C PHE D 25 -22.06 13.21 3.88
N VAL D 26 -23.07 13.53 4.70
CA VAL D 26 -23.23 14.85 5.30
C VAL D 26 -22.55 15.05 6.66
N GLY D 27 -22.49 13.99 7.46
CA GLY D 27 -21.86 14.03 8.78
C GLY D 27 -20.34 14.07 8.74
N MET D 28 -19.73 15.04 9.44
CA MET D 28 -18.28 15.19 9.50
C MET D 28 -17.82 16.05 10.66
N THR D 29 -16.59 15.80 11.13
CA THR D 29 -15.91 16.56 12.18
C THR D 29 -14.61 17.10 11.57
N VAL D 30 -14.39 18.39 11.69
CA VAL D 30 -13.24 19.11 11.11
C VAL D 30 -12.40 19.70 12.22
N THR D 31 -11.09 19.50 12.14
CA THR D 31 -10.12 20.05 13.10
C THR D 31 -9.01 20.80 12.36
N GLU D 32 -8.59 21.93 12.92
CA GLU D 32 -7.47 22.71 12.41
C GLU D 32 -6.20 22.13 13.00
N VAL D 33 -5.31 21.64 12.14
CA VAL D 33 -4.08 21.00 12.60
C VAL D 33 -2.83 21.62 11.91
N LYS D 34 -1.65 21.11 12.26
CA LYS D 34 -0.36 21.45 11.64
C LYS D 34 0.35 20.13 11.30
N GLY D 35 1.20 20.15 10.28
CA GLY D 35 1.89 18.93 9.91
C GLY D 35 3.03 19.06 8.92
N ARG D 36 3.76 17.96 8.73
CA ARG D 36 4.82 17.85 7.73
C ARG D 36 4.82 16.45 7.16
N GLY D 37 5.28 16.33 5.92
CA GLY D 37 5.33 15.07 5.20
C GLY D 37 6.76 14.58 5.10
N GLU D 38 6.99 13.52 4.30
CA GLU D 38 8.32 12.94 4.10
C GLU D 38 9.29 13.87 3.34
N VAL D 53 9.24 27.71 7.10
CA VAL D 53 8.16 26.80 6.71
C VAL D 53 8.46 25.31 7.01
N ASP D 54 8.16 24.85 8.25
CA ASP D 54 8.33 23.42 8.60
C ASP D 54 7.00 22.75 8.94
N LEU D 55 6.45 22.88 10.17
CA LEU D 55 5.09 22.39 10.43
C LEU D 55 4.14 23.44 9.84
N LEU D 56 3.41 23.06 8.79
CA LEU D 56 2.49 23.95 8.08
C LEU D 56 1.03 23.63 8.39
N GLN D 57 0.15 24.63 8.24
CA GLN D 57 -1.28 24.53 8.50
C GLN D 57 -1.98 23.53 7.58
N LYS D 58 -2.72 22.61 8.19
CA LYS D 58 -3.47 21.58 7.49
C LYS D 58 -4.85 21.47 8.07
N THR D 59 -5.73 20.73 7.39
CA THR D 59 -7.10 20.52 7.86
C THR D 59 -7.36 19.03 7.96
N LYS D 60 -7.89 18.61 9.13
CA LYS D 60 -8.26 17.21 9.38
C LYS D 60 -9.77 17.06 9.27
N VAL D 61 -10.20 16.13 8.43
CA VAL D 61 -11.62 15.81 8.22
C VAL D 61 -11.84 14.36 8.64
N GLU D 62 -12.73 14.15 9.63
CA GLU D 62 -13.08 12.81 10.10
C GLU D 62 -14.54 12.48 9.74
N VAL D 63 -14.75 11.34 9.06
CA VAL D 63 -16.09 10.86 8.69
C VAL D 63 -16.25 9.39 9.08
N VAL D 64 -17.24 9.12 9.92
CA VAL D 64 -17.54 7.75 10.38
C VAL D 64 -18.61 7.18 9.47
N VAL D 65 -18.29 6.10 8.76
CA VAL D 65 -19.18 5.43 7.82
C VAL D 65 -19.20 3.91 8.05
N SER D 66 -20.14 3.20 7.40
CA SER D 66 -20.20 1.74 7.45
C SER D 66 -19.07 1.21 6.53
N ASP D 67 -18.62 -0.03 6.77
CA ASP D 67 -17.52 -0.69 6.04
C ASP D 67 -17.60 -0.60 4.51
N ASP D 68 -18.77 -0.86 3.93
CA ASP D 68 -18.96 -0.87 2.48
C ASP D 68 -18.87 0.51 1.80
N ALA D 69 -19.05 1.60 2.58
CA ALA D 69 -19.00 2.98 2.06
C ALA D 69 -17.59 3.59 2.06
N VAL D 70 -16.62 2.93 2.71
CA VAL D 70 -15.22 3.36 2.86
C VAL D 70 -14.55 3.76 1.54
N ASP D 71 -14.54 2.83 0.55
CA ASP D 71 -13.91 3.04 -0.76
C ASP D 71 -14.49 4.22 -1.51
N GLU D 72 -15.83 4.40 -1.44
CA GLU D 72 -16.54 5.52 -2.05
C GLU D 72 -16.12 6.86 -1.40
N VAL D 73 -16.04 6.92 -0.04
CA VAL D 73 -15.63 8.11 0.70
C VAL D 73 -14.15 8.46 0.37
N VAL D 74 -13.25 7.46 0.40
CA VAL D 74 -11.83 7.63 0.07
C VAL D 74 -11.66 8.22 -1.36
N GLU D 75 -12.37 7.64 -2.35
CA GLU D 75 -12.37 8.10 -3.74
C GLU D 75 -12.88 9.56 -3.85
N ALA D 76 -13.96 9.89 -3.10
CA ALA D 76 -14.54 11.23 -3.06
C ALA D 76 -13.54 12.26 -2.56
N ILE D 77 -12.78 11.91 -1.49
CA ILE D 77 -11.76 12.78 -0.90
C ILE D 77 -10.55 12.91 -1.83
N VAL D 78 -10.04 11.79 -2.35
CA VAL D 78 -8.88 11.77 -3.28
C VAL D 78 -9.12 12.70 -4.48
N SER D 79 -10.26 12.55 -5.16
CA SER D 79 -10.59 13.36 -6.34
C SER D 79 -10.77 14.87 -6.05
N SER D 80 -11.38 15.24 -4.92
CA SER D 80 -11.59 16.66 -4.59
C SER D 80 -10.41 17.32 -3.82
N ALA D 81 -9.51 16.54 -3.21
CA ALA D 81 -8.38 17.11 -2.44
C ALA D 81 -7.04 17.18 -3.20
N ARG D 82 -6.86 16.33 -4.22
CA ARG D 82 -5.62 16.30 -4.99
C ARG D 82 -5.33 17.52 -5.85
N THR D 83 -4.02 17.81 -6.04
CA THR D 83 -3.51 18.90 -6.87
C THR D 83 -2.39 18.35 -7.77
N GLY D 84 -1.80 17.23 -7.36
CA GLY D 84 -0.68 16.59 -8.06
C GLY D 84 0.67 16.97 -7.48
N LYS D 85 0.70 18.05 -6.66
CA LYS D 85 1.89 18.57 -6.00
C LYS D 85 2.09 17.92 -4.61
N PHE D 86 3.35 17.93 -4.11
CA PHE D 86 3.73 17.41 -2.81
C PHE D 86 3.04 18.20 -1.70
N GLY D 87 2.46 17.50 -0.74
CA GLY D 87 1.74 18.11 0.38
C GLY D 87 0.23 17.98 0.28
N ASP D 88 -0.27 17.14 -0.64
CA ASP D 88 -1.70 16.90 -0.87
C ASP D 88 -2.42 16.26 0.32
N GLY D 89 -1.68 15.47 1.09
CA GLY D 89 -2.21 14.84 2.28
C GLY D 89 -2.34 13.34 2.25
N ARG D 90 -2.91 12.82 3.33
CA ARG D 90 -3.09 11.40 3.59
C ARG D 90 -4.49 11.12 4.10
N ILE D 91 -4.94 9.89 3.87
CA ILE D 91 -6.20 9.37 4.39
C ILE D 91 -5.87 8.12 5.20
N PHE D 92 -6.31 8.08 6.45
CA PHE D 92 -6.12 6.92 7.34
C PHE D 92 -7.48 6.34 7.71
N VAL D 93 -7.64 5.03 7.57
CA VAL D 93 -8.91 4.35 7.89
C VAL D 93 -8.72 3.58 9.20
N ILE D 94 -9.49 4.00 10.25
CA ILE D 94 -9.44 3.41 11.58
C ILE D 94 -10.74 2.63 11.93
N PRO D 95 -10.67 1.44 12.58
CA PRO D 95 -11.91 0.72 12.93
C PRO D 95 -12.70 1.41 14.05
N VAL D 96 -14.04 1.37 13.95
CA VAL D 96 -14.98 1.92 14.93
C VAL D 96 -15.88 0.75 15.38
N GLU D 97 -15.76 0.35 16.64
CA GLU D 97 -16.52 -0.77 17.20
C GLU D 97 -17.95 -0.42 17.58
N LYS D 98 -18.17 0.82 18.08
CA LYS D 98 -19.49 1.28 18.51
C LYS D 98 -19.67 2.75 18.17
N SER D 99 -20.89 3.10 17.77
CA SER D 99 -21.29 4.47 17.46
C SER D 99 -22.58 4.76 18.25
N VAL D 100 -22.54 5.74 19.17
CA VAL D 100 -23.68 6.04 20.05
C VAL D 100 -24.23 7.44 19.75
N LYS D 101 -25.58 7.54 19.60
CA LYS D 101 -26.27 8.81 19.41
C LYS D 101 -26.61 9.32 20.82
N ILE D 102 -26.02 10.46 21.23
CA ILE D 102 -26.25 11.04 22.56
C ILE D 102 -27.73 11.31 22.84
N ARG D 103 -28.44 11.93 21.88
CA ARG D 103 -29.85 12.30 21.97
C ARG D 103 -30.77 11.13 22.40
N THR D 104 -30.64 9.97 21.73
CA THR D 104 -31.47 8.80 21.96
C THR D 104 -30.86 7.70 22.82
N GLY D 105 -29.54 7.67 22.90
CA GLY D 105 -28.83 6.61 23.61
C GLY D 105 -28.73 5.33 22.79
N ASP D 106 -29.18 5.39 21.52
CA ASP D 106 -29.11 4.23 20.62
C ASP D 106 -27.70 4.02 20.10
N GLU D 107 -27.29 2.77 20.11
CA GLU D 107 -25.96 2.34 19.78
C GLU D 107 -25.92 1.50 18.50
N GLU D 108 -25.03 1.87 17.58
CA GLU D 108 -24.80 1.15 16.32
C GLU D 108 -23.52 0.31 16.52
N VAL D 109 -23.64 -1.00 16.35
CA VAL D 109 -22.55 -1.98 16.51
C VAL D 109 -22.38 -2.75 15.18
N ALA D 110 -21.13 -3.12 14.84
CA ALA D 110 -20.73 -3.84 13.62
C ALA D 110 -21.35 -5.22 13.41
N ALA D 111 -21.68 -5.95 14.50
CA ALA D 111 -22.29 -7.29 14.50
C ALA D 111 -21.48 -8.39 13.74
N ALA D 112 -22.10 -9.58 13.50
CA ALA D 112 -21.53 -10.76 12.84
C ALA D 112 -20.90 -10.48 11.48
N MET E 1 -0.61 -1.32 9.59
CA MET E 1 -0.19 0.01 10.04
C MET E 1 -0.76 0.33 11.40
N LYS E 2 -0.13 1.27 12.10
CA LYS E 2 -0.63 1.74 13.40
C LYS E 2 -0.49 3.23 13.46
N MET E 3 -1.36 3.89 14.23
CA MET E 3 -1.27 5.30 14.50
C MET E 3 -0.82 5.44 15.93
N VAL E 4 0.34 6.07 16.11
CA VAL E 4 0.94 6.36 17.41
C VAL E 4 0.44 7.77 17.78
N VAL E 5 -0.33 7.89 18.85
CA VAL E 5 -0.89 9.16 19.30
C VAL E 5 -0.27 9.50 20.63
N ALA E 6 0.52 10.57 20.66
CA ALA E 6 1.17 11.01 21.89
C ALA E 6 0.60 12.35 22.30
N VAL E 7 0.28 12.48 23.59
CA VAL E 7 -0.20 13.73 24.19
C VAL E 7 0.94 14.16 25.10
N ILE E 8 1.63 15.25 24.73
CA ILE E 8 2.83 15.74 25.43
C ILE E 8 2.73 17.17 25.92
N ARG E 9 3.72 17.60 26.72
CA ARG E 9 3.85 18.99 27.19
C ARG E 9 4.16 19.83 25.94
N PRO E 10 3.52 21.00 25.75
CA PRO E 10 3.79 21.80 24.54
C PRO E 10 5.27 22.13 24.29
N GLU E 11 6.05 22.42 25.37
CA GLU E 11 7.50 22.74 25.29
C GLU E 11 8.38 21.57 24.78
N LYS E 12 7.83 20.35 24.74
CA LYS E 12 8.57 19.18 24.30
C LYS E 12 8.43 18.85 22.81
N LEU E 13 7.62 19.65 22.07
CA LEU E 13 7.37 19.41 20.64
C LEU E 13 8.64 19.35 19.82
N GLU E 14 9.55 20.34 19.98
CA GLU E 14 10.82 20.39 19.25
C GLU E 14 11.72 19.18 19.50
N CYS E 15 11.77 18.68 20.76
CA CYS E 15 12.54 17.49 21.14
C CYS E 15 12.00 16.27 20.40
N VAL E 16 10.66 16.06 20.50
CA VAL E 16 9.95 14.93 19.88
C VAL E 16 10.15 14.96 18.37
N LYS E 17 9.91 16.14 17.74
CA LYS E 17 10.06 16.37 16.31
C LYS E 17 11.46 15.94 15.85
N LYS E 18 12.52 16.41 16.56
CA LYS E 18 13.92 16.09 16.25
C LYS E 18 14.24 14.61 16.46
N ALA E 19 13.78 14.04 17.59
CA ALA E 19 13.98 12.64 17.92
C ALA E 19 13.39 11.70 16.85
N LEU E 20 12.19 12.05 16.31
CA LEU E 20 11.52 11.26 15.27
C LEU E 20 12.20 11.43 13.91
N GLU E 21 12.54 12.70 13.59
CA GLU E 21 13.21 13.15 12.37
C GLU E 21 14.54 12.42 12.15
N GLU E 22 15.37 12.33 13.20
CA GLU E 22 16.67 11.65 13.15
C GLU E 22 16.55 10.15 12.91
N ARG E 23 15.40 9.56 13.27
CA ARG E 23 15.16 8.12 13.10
C ARG E 23 14.42 7.75 11.79
N GLY E 24 14.25 8.73 10.92
CA GLY E 24 13.59 8.54 9.63
C GLY E 24 12.09 8.74 9.61
N PHE E 25 11.50 9.22 10.75
CA PHE E 25 10.06 9.45 10.88
C PHE E 25 9.77 10.94 10.76
N VAL E 26 9.64 11.41 9.51
CA VAL E 26 9.41 12.83 9.19
C VAL E 26 7.91 13.22 9.12
N GLY E 27 7.05 12.28 8.72
CA GLY E 27 5.60 12.50 8.64
C GLY E 27 4.92 12.54 10.01
N MET E 28 4.17 13.60 10.27
CA MET E 28 3.43 13.79 11.53
C MET E 28 2.34 14.83 11.41
N THR E 29 1.30 14.69 12.24
CA THR E 29 0.19 15.64 12.35
C THR E 29 0.14 16.08 13.81
N VAL E 30 0.10 17.40 14.03
CA VAL E 30 0.12 18.01 15.36
C VAL E 30 -1.16 18.81 15.59
N THR E 31 -1.73 18.68 16.79
CA THR E 31 -2.95 19.37 17.18
C THR E 31 -2.75 19.99 18.55
N GLU E 32 -3.26 21.21 18.73
CA GLU E 32 -3.25 21.90 20.02
C GLU E 32 -4.48 21.45 20.77
N VAL E 33 -4.27 20.84 21.94
CA VAL E 33 -5.37 20.29 22.75
C VAL E 33 -5.29 20.80 24.19
N LYS E 34 -6.25 20.39 25.01
CA LYS E 34 -6.31 20.66 26.45
C LYS E 34 -6.57 19.35 27.17
N GLY E 35 -6.25 19.28 28.46
CA GLY E 35 -6.48 18.06 29.21
C GLY E 35 -6.07 18.03 30.66
N ARG E 36 -6.29 16.87 31.28
CA ARG E 36 -5.95 16.57 32.68
C ARG E 36 -5.70 15.09 32.87
N GLY E 37 -5.08 14.75 34.00
CA GLY E 37 -4.78 13.40 34.42
C GLY E 37 -5.13 13.25 35.89
N GLU E 38 -4.28 12.57 36.66
CA GLU E 38 -4.48 12.34 38.11
C GLU E 38 -4.23 13.61 38.91
N ASP E 54 -9.42 22.53 35.53
CA ASP E 54 -8.01 22.18 35.53
C ASP E 54 -7.48 21.61 34.19
N LEU E 55 -8.17 21.90 33.07
CA LEU E 55 -7.70 21.47 31.76
C LEU E 55 -6.59 22.41 31.32
N LEU E 56 -5.38 21.87 31.20
CA LEU E 56 -4.18 22.59 30.81
C LEU E 56 -3.81 22.32 29.34
N GLN E 57 -3.12 23.28 28.71
CA GLN E 57 -2.67 23.17 27.33
C GLN E 57 -1.67 22.03 27.13
N LYS E 58 -1.94 21.17 26.14
CA LYS E 58 -1.09 20.03 25.79
C LYS E 58 -0.94 20.01 24.29
N THR E 59 -0.09 19.12 23.79
CA THR E 59 0.13 18.99 22.37
C THR E 59 -0.04 17.54 21.98
N LYS E 60 -0.86 17.31 20.94
CA LYS E 60 -1.11 15.98 20.41
C LYS E 60 -0.29 15.77 19.14
N VAL E 61 0.49 14.69 19.10
CA VAL E 61 1.33 14.32 17.97
C VAL E 61 0.85 12.95 17.48
N GLU E 62 0.43 12.87 16.20
CA GLU E 62 -0.02 11.62 15.58
C GLU E 62 0.97 11.22 14.48
N VAL E 63 1.46 9.99 14.53
CA VAL E 63 2.39 9.46 13.52
C VAL E 63 1.91 8.07 13.09
N VAL E 64 1.63 7.93 11.80
CA VAL E 64 1.19 6.67 11.23
C VAL E 64 2.41 5.96 10.67
N VAL E 65 2.69 4.76 11.19
CA VAL E 65 3.84 3.92 10.82
C VAL E 65 3.41 2.46 10.59
N SER E 66 4.33 1.65 10.02
CA SER E 66 4.11 0.21 9.85
C SER E 66 4.26 -0.45 11.24
N ASP E 67 3.64 -1.63 11.44
CA ASP E 67 3.64 -2.38 12.71
C ASP E 67 4.99 -2.53 13.39
N ASP E 68 6.02 -2.93 12.64
CA ASP E 68 7.37 -3.18 13.17
C ASP E 68 8.12 -1.94 13.65
N ALA E 69 7.73 -0.74 13.18
CA ALA E 69 8.36 0.53 13.56
C ALA E 69 7.77 1.17 14.84
N VAL E 70 6.63 0.63 15.33
CA VAL E 70 5.90 1.12 16.51
C VAL E 70 6.76 1.30 17.77
N ASP E 71 7.46 0.23 18.20
CA ASP E 71 8.33 0.23 19.39
C ASP E 71 9.42 1.29 19.31
N GLU E 72 10.04 1.45 18.12
CA GLU E 72 11.08 2.45 17.86
C GLU E 72 10.51 3.88 18.00
N VAL E 73 9.30 4.12 17.43
CA VAL E 73 8.61 5.42 17.48
C VAL E 73 8.23 5.76 18.95
N VAL E 74 7.67 4.78 19.68
CA VAL E 74 7.27 4.93 21.10
C VAL E 74 8.49 5.29 21.96
N GLU E 75 9.61 4.54 21.78
CA GLU E 75 10.87 4.76 22.51
C GLU E 75 11.43 6.17 22.23
N ALA E 76 11.37 6.62 20.95
CA ALA E 76 11.83 7.95 20.51
C ALA E 76 11.03 9.04 21.22
N ILE E 77 9.69 8.88 21.33
CA ILE E 77 8.81 9.85 21.99
C ILE E 77 9.03 9.85 23.49
N VAL E 78 9.06 8.65 24.13
CA VAL E 78 9.26 8.49 25.58
C VAL E 78 10.55 9.21 26.04
N SER E 79 11.68 8.91 25.38
CA SER E 79 12.97 9.51 25.73
C SER E 79 13.04 11.04 25.54
N SER E 80 12.43 11.57 24.46
CA SER E 80 12.43 13.00 24.19
C SER E 80 11.36 13.83 24.91
N ALA E 81 10.24 13.20 25.35
CA ALA E 81 9.13 13.90 26.01
C ALA E 81 9.12 13.87 27.55
N ARG E 82 9.78 12.87 28.15
CA ARG E 82 9.81 12.72 29.60
C ARG E 82 10.59 13.79 30.38
N THR E 83 10.14 14.07 31.62
CA THR E 83 10.77 15.01 32.55
C THR E 83 10.90 14.33 33.93
N GLY E 84 10.08 13.30 34.17
CA GLY E 84 10.03 12.58 35.43
C GLY E 84 8.91 13.08 36.35
N LYS E 85 8.37 14.27 36.05
CA LYS E 85 7.29 14.92 36.80
C LYS E 85 5.91 14.51 36.27
N PHE E 86 4.86 14.63 37.11
CA PHE E 86 3.47 14.33 36.76
C PHE E 86 2.99 15.31 35.68
N GLY E 87 2.32 14.77 34.66
CA GLY E 87 1.83 15.54 33.52
C GLY E 87 2.65 15.36 32.24
N ASP E 88 3.57 14.37 32.23
CA ASP E 88 4.41 14.07 31.07
C ASP E 88 3.65 13.62 29.82
N GLY E 89 2.49 13.01 30.05
CA GLY E 89 1.61 12.57 28.98
C GLY E 89 1.50 11.07 28.78
N ARG E 90 0.78 10.71 27.72
CA ARG E 90 0.48 9.34 27.34
C ARG E 90 0.69 9.12 25.85
N ILE E 91 0.94 7.87 25.47
CA ILE E 91 1.05 7.44 24.08
C ILE E 91 0.01 6.31 23.90
N PHE E 92 -0.87 6.45 22.91
CA PHE E 92 -1.88 5.44 22.59
C PHE E 92 -1.63 4.92 21.17
N VAL E 93 -1.63 3.61 21.01
CA VAL E 93 -1.39 2.97 19.71
C VAL E 93 -2.74 2.44 19.19
N ILE E 94 -3.18 2.96 18.02
CA ILE E 94 -4.45 2.63 17.38
C ILE E 94 -4.22 1.91 16.04
N PRO E 95 -5.02 0.85 15.71
CA PRO E 95 -4.82 0.18 14.41
C PRO E 95 -5.27 1.04 13.21
N VAL E 96 -4.55 0.91 12.10
CA VAL E 96 -4.83 1.60 10.84
C VAL E 96 -4.97 0.50 9.78
N GLU E 97 -6.19 0.32 9.26
CA GLU E 97 -6.48 -0.70 8.26
C GLU E 97 -6.08 -0.29 6.84
N LYS E 98 -6.20 1.01 6.49
CA LYS E 98 -5.87 1.55 5.17
C LYS E 98 -5.17 2.89 5.29
N SER E 99 -4.18 3.10 4.44
CA SER E 99 -3.37 4.32 4.37
C SER E 99 -3.29 4.76 2.91
N VAL E 100 -3.82 5.96 2.60
CA VAL E 100 -3.88 6.45 1.21
C VAL E 100 -3.05 7.71 1.01
N LYS E 101 -2.25 7.76 -0.07
CA LYS E 101 -1.49 8.96 -0.46
C LYS E 101 -2.39 9.73 -1.43
N ILE E 102 -2.87 10.94 -1.04
CA ILE E 102 -3.79 11.73 -1.86
C ILE E 102 -3.23 12.04 -3.27
N ARG E 103 -1.94 12.47 -3.32
CA ARG E 103 -1.22 12.85 -4.53
C ARG E 103 -1.25 11.77 -5.63
N THR E 104 -0.96 10.51 -5.26
CA THR E 104 -0.87 9.37 -6.19
C THR E 104 -2.09 8.46 -6.22
N GLY E 105 -2.89 8.47 -5.18
CA GLY E 105 -4.01 7.57 -5.13
C GLY E 105 -3.66 6.17 -4.73
N ASP E 106 -2.44 5.96 -4.27
CA ASP E 106 -2.01 4.62 -3.90
C ASP E 106 -2.34 4.28 -2.46
N GLU E 107 -2.91 3.09 -2.28
CA GLU E 107 -3.48 2.64 -1.02
C GLU E 107 -2.72 1.46 -0.41
N GLU E 108 -2.29 1.65 0.83
CA GLU E 108 -1.57 0.62 1.57
C GLU E 108 -2.59 -0.06 2.45
N VAL E 109 -2.75 -1.38 2.28
CA VAL E 109 -3.70 -2.20 3.03
C VAL E 109 -2.99 -3.23 3.89
N ALA E 110 -3.34 -3.24 5.18
CA ALA E 110 -2.81 -4.13 6.21
C ALA E 110 -3.34 -5.55 6.00
N ALA E 111 -2.51 -6.56 6.30
CA ALA E 111 -2.87 -7.99 6.14
C ALA E 111 -4.09 -8.36 7.00
N ALA E 112 -4.16 -7.80 8.24
CA ALA E 112 -5.27 -8.04 9.17
C ALA E 112 -6.55 -7.35 8.72
N MET F 1 -7.71 -2.05 25.70
CA MET F 1 -8.08 -0.67 26.00
C MET F 1 -8.93 -0.11 24.86
N LYS F 2 -9.76 0.89 25.16
CA LYS F 2 -10.56 1.53 24.13
C LYS F 2 -10.49 3.03 24.29
N MET F 3 -10.62 3.75 23.18
CA MET F 3 -10.69 5.20 23.21
C MET F 3 -12.14 5.57 22.92
N VAL F 4 -12.75 6.28 23.87
CA VAL F 4 -14.11 6.80 23.79
C VAL F 4 -13.96 8.22 23.29
N VAL F 5 -14.50 8.50 22.09
CA VAL F 5 -14.42 9.81 21.43
C VAL F 5 -15.82 10.39 21.35
N ALA F 6 -16.10 11.43 22.14
CA ALA F 6 -17.41 12.09 22.13
C ALA F 6 -17.31 13.48 21.50
N VAL F 7 -18.25 13.79 20.60
CA VAL F 7 -18.35 15.10 19.95
C VAL F 7 -19.63 15.70 20.54
N ILE F 8 -19.48 16.76 21.35
CA ILE F 8 -20.59 17.38 22.10
C ILE F 8 -20.77 18.87 21.83
N ARG F 9 -21.86 19.45 22.34
CA ARG F 9 -22.13 20.90 22.29
C ARG F 9 -21.07 21.55 23.19
N PRO F 10 -20.43 22.65 22.77
CA PRO F 10 -19.38 23.27 23.63
C PRO F 10 -19.82 23.61 25.06
N GLU F 11 -21.08 24.06 25.25
CA GLU F 11 -21.64 24.41 26.57
C GLU F 11 -21.79 23.22 27.54
N LYS F 12 -21.67 21.98 27.01
CA LYS F 12 -21.81 20.76 27.83
C LYS F 12 -20.50 20.21 28.37
N LEU F 13 -19.36 20.84 28.03
CA LEU F 13 -18.04 20.40 28.49
C LEU F 13 -17.92 20.26 30.01
N GLU F 14 -18.37 21.28 30.76
CA GLU F 14 -18.32 21.26 32.22
C GLU F 14 -19.12 20.14 32.85
N CYS F 15 -20.31 19.84 32.29
CA CYS F 15 -21.18 18.74 32.75
C CYS F 15 -20.47 17.41 32.56
N VAL F 16 -19.96 17.17 31.33
CA VAL F 16 -19.26 15.94 30.94
C VAL F 16 -18.03 15.74 31.81
N LYS F 17 -17.21 16.79 31.96
CA LYS F 17 -16.00 16.80 32.79
C LYS F 17 -16.34 16.33 34.21
N LYS F 18 -17.37 16.94 34.84
CA LYS F 18 -17.82 16.61 36.20
C LYS F 18 -18.39 15.19 36.31
N ALA F 19 -19.23 14.77 35.34
CA ALA F 19 -19.81 13.42 35.33
C ALA F 19 -18.74 12.32 35.21
N LEU F 20 -17.66 12.58 34.45
CA LEU F 20 -16.57 11.63 34.31
C LEU F 20 -15.72 11.58 35.59
N GLU F 21 -15.49 12.78 36.17
CA GLU F 21 -14.78 13.05 37.43
C GLU F 21 -15.39 12.18 38.55
N GLU F 22 -16.72 12.36 38.80
CA GLU F 22 -17.52 11.63 39.80
C GLU F 22 -17.31 10.11 39.74
N ARG F 23 -17.30 9.55 38.50
CA ARG F 23 -17.12 8.12 38.23
C ARG F 23 -15.66 7.64 38.22
N GLY F 24 -14.72 8.52 38.61
CA GLY F 24 -13.31 8.20 38.73
C GLY F 24 -12.50 8.28 37.46
N PHE F 25 -13.09 8.83 36.38
CA PHE F 25 -12.42 9.01 35.09
C PHE F 25 -11.91 10.44 34.97
N VAL F 26 -10.70 10.65 35.48
CA VAL F 26 -10.07 11.97 35.52
C VAL F 26 -9.27 12.34 34.27
N GLY F 27 -8.63 11.34 33.65
CA GLY F 27 -7.84 11.55 32.44
C GLY F 27 -8.68 11.78 31.20
N MET F 28 -8.42 12.88 30.48
CA MET F 28 -9.12 13.24 29.24
C MET F 28 -8.35 14.23 28.40
N THR F 29 -8.59 14.22 27.09
CA THR F 29 -8.02 15.13 26.11
C THR F 29 -9.20 15.81 25.41
N VAL F 30 -9.19 17.14 25.36
CA VAL F 30 -10.25 17.95 24.78
C VAL F 30 -9.71 18.74 23.60
N THR F 31 -10.46 18.73 22.50
CA THR F 31 -10.12 19.45 21.27
C THR F 31 -11.31 20.31 20.82
N GLU F 32 -11.02 21.53 20.36
CA GLU F 32 -12.02 22.41 19.77
C GLU F 32 -12.12 22.01 18.29
N VAL F 33 -13.31 21.63 17.85
CA VAL F 33 -13.55 21.18 16.48
C VAL F 33 -14.75 21.91 15.88
N LYS F 34 -15.02 21.65 14.60
CA LYS F 34 -16.18 22.14 13.88
C LYS F 34 -16.83 20.93 13.19
N GLY F 35 -18.13 20.99 13.00
CA GLY F 35 -18.82 19.88 12.37
C GLY F 35 -20.19 20.15 11.81
N ARG F 36 -20.73 19.13 11.15
CA ARG F 36 -22.09 19.06 10.63
C ARG F 36 -22.61 17.63 10.63
N GLY F 37 -23.93 17.49 10.54
CA GLY F 37 -24.64 16.21 10.51
C GLY F 37 -25.93 16.33 9.71
N GLU F 38 -26.99 15.65 10.21
CA GLU F 38 -28.37 15.63 9.67
C GLU F 38 -28.48 15.07 8.27
N VAL F 53 -22.35 29.02 5.88
CA VAL F 53 -22.33 28.80 7.32
C VAL F 53 -22.01 27.31 7.59
N ASP F 54 -23.04 26.44 7.57
CA ASP F 54 -22.99 24.99 7.82
C ASP F 54 -22.17 24.45 9.01
N LEU F 55 -20.81 24.43 8.91
CA LEU F 55 -19.91 23.90 9.96
C LEU F 55 -19.98 24.71 11.24
N LEU F 56 -20.50 24.09 12.30
CA LEU F 56 -20.71 24.72 13.60
C LEU F 56 -19.70 24.24 14.64
N GLN F 57 -19.42 25.11 15.62
CA GLN F 57 -18.47 24.86 16.69
C GLN F 57 -18.90 23.72 17.59
N LYS F 58 -18.00 22.74 17.76
CA LYS F 58 -18.24 21.57 18.58
C LYS F 58 -17.05 21.29 19.48
N THR F 59 -17.22 20.40 20.45
CA THR F 59 -16.15 20.02 21.36
C THR F 59 -15.95 18.52 21.34
N LYS F 60 -14.69 18.09 21.13
CA LYS F 60 -14.31 16.68 21.13
C LYS F 60 -13.65 16.32 22.45
N VAL F 61 -14.15 15.25 23.09
CA VAL F 61 -13.62 14.73 24.35
C VAL F 61 -13.17 13.31 24.11
N GLU F 62 -11.88 13.04 24.32
CA GLU F 62 -11.30 11.69 24.16
C GLU F 62 -10.89 11.14 25.52
N VAL F 63 -11.35 9.92 25.85
CA VAL F 63 -10.99 9.24 27.10
C VAL F 63 -10.60 7.81 26.83
N VAL F 64 -9.36 7.46 27.16
CA VAL F 64 -8.83 6.10 26.98
C VAL F 64 -9.04 5.36 28.29
N VAL F 65 -9.84 4.28 28.23
CA VAL F 65 -10.20 3.44 29.36
C VAL F 65 -10.02 1.96 29.06
N SER F 66 -10.18 1.13 30.12
CA SER F 66 -10.18 -0.33 30.08
C SER F 66 -11.47 -0.79 29.38
N ASP F 67 -11.40 -1.95 28.68
CA ASP F 67 -12.56 -2.53 28.00
C ASP F 67 -13.84 -2.55 28.83
N ASP F 68 -13.77 -3.00 30.09
CA ASP F 68 -14.92 -3.13 30.98
C ASP F 68 -15.53 -1.80 31.44
N ALA F 69 -14.75 -0.71 31.39
CA ALA F 69 -15.21 0.62 31.82
C ALA F 69 -15.94 1.42 30.71
N VAL F 70 -15.89 0.94 29.44
CA VAL F 70 -16.48 1.59 28.26
C VAL F 70 -17.95 2.00 28.43
N ASP F 71 -18.82 1.03 28.77
CA ASP F 71 -20.27 1.25 28.95
C ASP F 71 -20.58 2.30 30.01
N GLU F 72 -19.82 2.29 31.13
CA GLU F 72 -19.96 3.24 32.22
C GLU F 72 -19.59 4.66 31.76
N VAL F 73 -18.47 4.79 30.99
CA VAL F 73 -17.98 6.06 30.43
C VAL F 73 -19.01 6.63 29.44
N VAL F 74 -19.53 5.77 28.54
CA VAL F 74 -20.55 6.13 27.52
C VAL F 74 -21.82 6.66 28.22
N GLU F 75 -22.30 5.93 29.24
CA GLU F 75 -23.50 6.31 30.01
C GLU F 75 -23.29 7.65 30.74
N ALA F 76 -22.08 7.89 31.29
CA ALA F 76 -21.72 9.14 31.96
C ALA F 76 -21.80 10.32 30.99
N ILE F 77 -21.30 10.15 29.75
CA ILE F 77 -21.31 11.18 28.70
C ILE F 77 -22.74 11.42 28.20
N VAL F 78 -23.48 10.33 27.87
CA VAL F 78 -24.85 10.40 27.38
C VAL F 78 -25.74 11.23 28.35
N SER F 79 -25.75 10.87 29.64
CA SER F 79 -26.55 11.55 30.66
C SER F 79 -26.19 13.02 30.89
N SER F 80 -24.88 13.36 30.84
CA SER F 80 -24.44 14.75 31.06
C SER F 80 -24.45 15.65 29.82
N ALA F 81 -24.37 15.08 28.60
CA ALA F 81 -24.34 15.85 27.35
C ALA F 81 -25.69 16.05 26.66
N ARG F 82 -26.68 15.17 26.95
CA ARG F 82 -28.04 15.18 26.39
C ARG F 82 -28.84 16.45 26.75
N THR F 83 -29.66 16.95 25.77
CA THR F 83 -30.60 18.08 25.90
C THR F 83 -31.99 17.63 25.38
N GLY F 84 -31.97 16.59 24.54
CA GLY F 84 -33.16 16.05 23.90
C GLY F 84 -33.37 16.57 22.50
N LYS F 85 -32.68 17.68 22.16
CA LYS F 85 -32.73 18.34 20.85
C LYS F 85 -31.69 17.77 19.88
N PHE F 86 -31.94 17.91 18.55
CA PHE F 86 -31.04 17.47 17.50
C PHE F 86 -29.73 18.28 17.56
N GLY F 87 -28.60 17.59 17.46
CA GLY F 87 -27.28 18.19 17.53
C GLY F 87 -26.56 17.92 18.84
N ASP F 88 -27.08 16.98 19.66
CA ASP F 88 -26.51 16.57 20.95
C ASP F 88 -25.13 15.93 20.83
N GLY F 89 -24.87 15.29 19.68
CA GLY F 89 -23.58 14.69 19.42
C GLY F 89 -23.56 13.20 19.26
N ARG F 90 -22.34 12.68 19.05
CA ARG F 90 -22.04 11.26 18.80
C ARG F 90 -20.89 10.82 19.68
N ILE F 91 -20.85 9.54 19.99
CA ILE F 91 -19.75 8.90 20.72
C ILE F 91 -19.23 7.77 19.83
N PHE F 92 -17.93 7.76 19.56
CA PHE F 92 -17.29 6.70 18.78
C PHE F 92 -16.31 5.94 19.66
N VAL F 93 -16.39 4.60 19.65
CA VAL F 93 -15.49 3.74 20.44
C VAL F 93 -14.46 3.12 19.48
N ILE F 94 -13.17 3.42 19.72
CA ILE F 94 -12.05 2.97 18.89
C ILE F 94 -11.11 2.02 19.70
N PRO F 95 -10.61 0.92 19.11
CA PRO F 95 -9.68 0.06 19.87
C PRO F 95 -8.30 0.70 20.06
N VAL F 96 -7.69 0.47 21.22
CA VAL F 96 -6.36 0.95 21.60
C VAL F 96 -5.52 -0.31 21.91
N GLU F 97 -4.52 -0.58 21.08
CA GLU F 97 -3.68 -1.78 21.24
C GLU F 97 -2.60 -1.64 22.30
N LYS F 98 -2.04 -0.44 22.47
CA LYS F 98 -0.97 -0.15 23.43
C LYS F 98 -1.17 1.20 24.05
N SER F 99 -0.94 1.28 25.35
CA SER F 99 -1.01 2.52 26.11
C SER F 99 0.27 2.63 26.91
N VAL F 100 0.93 3.80 26.84
CA VAL F 100 2.23 4.05 27.50
C VAL F 100 2.16 5.31 28.39
N LYS F 101 2.71 5.22 29.63
CA LYS F 101 2.85 6.38 30.52
C LYS F 101 4.24 6.96 30.24
N ILE F 102 4.32 8.19 29.70
CA ILE F 102 5.60 8.82 29.34
C ILE F 102 6.60 8.92 30.51
N ARG F 103 6.10 9.36 31.68
CA ARG F 103 6.85 9.55 32.92
C ARG F 103 7.63 8.30 33.35
N THR F 104 6.97 7.12 33.37
CA THR F 104 7.56 5.86 33.83
C THR F 104 8.02 4.90 32.72
N GLY F 105 7.49 5.08 31.52
CA GLY F 105 7.76 4.17 30.41
C GLY F 105 6.96 2.88 30.51
N ASP F 106 5.97 2.84 31.45
CA ASP F 106 5.07 1.72 31.73
C ASP F 106 4.12 1.50 30.54
N GLU F 107 4.22 0.32 29.90
CA GLU F 107 3.44 -0.04 28.73
C GLU F 107 2.45 -1.22 28.96
N GLU F 108 1.14 -0.95 28.75
CA GLU F 108 0.04 -1.93 28.84
C GLU F 108 -0.38 -2.31 27.42
N VAL F 109 -0.57 -3.61 27.17
CA VAL F 109 -0.96 -4.15 25.85
C VAL F 109 -2.34 -4.82 25.97
N ALA F 110 -3.06 -4.94 24.83
CA ALA F 110 -4.41 -5.52 24.71
C ALA F 110 -4.44 -6.98 24.28
N ALA F 111 -5.49 -7.70 24.71
CA ALA F 111 -5.81 -9.10 24.38
C ALA F 111 -7.27 -9.43 24.76
N ALA F 112 -7.86 -10.45 24.08
CA ALA F 112 -9.22 -10.90 24.32
C ALA F 112 -9.31 -12.42 24.39
PG ATP G . 11.63 -4.31 2.95
O1G ATP G . 11.67 -5.80 3.33
O2G ATP G . 10.44 -4.11 1.98
O3G ATP G . 11.47 -3.39 4.13
PB ATP G . 14.16 -4.25 1.58
O1B ATP G . 14.87 -4.90 2.78
O2B ATP G . 15.21 -3.17 1.42
O3B ATP G . 12.80 -3.66 2.12
PA ATP G . 12.90 -5.97 -0.21
O1A ATP G . 12.21 -7.00 0.66
O2A ATP G . 11.91 -4.78 -0.39
O3A ATP G . 14.15 -5.38 0.47
O5' ATP G . 13.34 -6.50 -1.68
C5' ATP G . 13.57 -7.88 -1.97
C4' ATP G . 13.72 -8.05 -3.49
O4' ATP G . 12.48 -7.75 -4.15
C3' ATP G . 14.75 -7.15 -4.12
O3' ATP G . 16.06 -7.60 -3.96
C2' ATP G . 14.32 -7.05 -5.59
O2' ATP G . 14.73 -8.21 -6.32
C1' ATP G . 12.80 -7.03 -5.40
N9 ATP G . 12.18 -5.73 -5.37
C8 ATP G . 11.96 -4.94 -4.29
N7 ATP G . 11.35 -3.81 -4.59
C5 ATP G . 11.17 -3.87 -5.94
C6 ATP G . 10.57 -2.97 -6.87
N6 ATP G . 10.02 -1.78 -6.46
N1 ATP G . 10.53 -3.33 -8.21
C2 ATP G . 11.09 -4.53 -8.59
N3 ATP G . 11.69 -5.47 -7.78
C4 ATP G . 11.69 -5.07 -6.47
PG ATP H . 16.03 -0.70 -33.27
O1G ATP H . 15.42 -0.68 -34.68
O2G ATP H . 14.92 -0.87 -32.25
O3G ATP H . 16.66 0.66 -33.10
PB ATP H . 17.00 -3.38 -33.06
O1B ATP H . 17.99 -4.09 -34.03
O2B ATP H . 15.51 -3.80 -33.32
O3B ATP H . 17.15 -1.81 -33.24
PA ATP H . 16.48 -3.49 -30.36
O1A ATP H . 15.05 -3.07 -30.77
O2A ATP H . 17.05 -2.28 -29.60
O3A ATP H . 17.31 -3.92 -31.59
O5' ATP H . 16.36 -4.75 -29.37
C5' ATP H . 17.13 -4.89 -28.16
C4' ATP H . 16.59 -6.06 -27.32
O4' ATP H . 15.24 -5.79 -26.87
C3' ATP H . 16.51 -7.37 -28.09
O3' ATP H . 17.74 -8.02 -28.18
C2' ATP H . 15.45 -8.16 -27.34
O2' ATP H . 15.98 -8.80 -26.15
C1' ATP H . 14.48 -7.03 -26.97
N9 ATP H . 13.35 -6.85 -27.88
C8 ATP H . 13.31 -6.06 -29.01
N7 ATP H . 12.16 -6.10 -29.58
C5 ATP H . 11.40 -6.95 -28.83
C6 ATP H . 10.05 -7.43 -28.94
N6 ATP H . 9.22 -7.02 -29.95
N1 ATP H . 9.57 -8.33 -28.02
C2 ATP H . 10.39 -8.72 -27.01
N3 ATP H . 11.69 -8.30 -26.81
C4 ATP H . 12.13 -7.44 -27.75
PG ATP I . 0.33 -30.71 -20.16
O1G ATP I . 0.90 -31.51 -18.96
O2G ATP I . 0.85 -31.29 -21.46
O3G ATP I . -1.17 -30.72 -20.10
PB ATP I . 2.29 -28.62 -20.20
O1B ATP I . 2.82 -28.81 -21.64
O2B ATP I . 2.03 -27.12 -19.93
O3B ATP I . 0.80 -29.21 -20.03
PA ATP I . 3.21 -28.66 -17.72
O1A ATP I . 3.91 -29.64 -16.77
O2A ATP I . 1.73 -28.49 -17.25
O3A ATP I . 3.28 -29.21 -19.16
O5' ATP I . 3.92 -27.17 -17.80
C5' ATP I . 5.02 -26.84 -18.68
C4' ATP I . 5.77 -25.62 -18.10
O4' ATP I . 4.89 -24.48 -17.98
C3' ATP I . 6.18 -25.89 -16.67
O3' ATP I . 7.39 -26.68 -16.59
C2' ATP I . 6.20 -24.44 -16.04
O2' ATP I . 7.41 -23.70 -16.32
C1' ATP I . 5.07 -23.75 -16.76
N9 ATP I . 3.78 -23.67 -16.11
C8 ATP I . 2.76 -24.61 -16.18
N7 ATP I . 1.69 -24.22 -15.52
C5 ATP I . 2.04 -23.01 -14.98
C6 ATP I . 1.31 -22.08 -14.17
N6 ATP I . 0.01 -22.31 -13.79
N1 ATP I . 1.92 -20.88 -13.80
C2 ATP I . 3.22 -20.68 -14.21
N3 ATP I . 3.98 -21.53 -15.01
C4 ATP I . 3.34 -22.65 -15.35
PG ATP J . 3.49 13.15 -0.90
O1G ATP J . 2.52 14.29 -1.17
O2G ATP J . 2.88 11.84 -1.34
O3G ATP J . 4.81 13.33 -1.59
PB ATP J . 4.71 13.86 1.41
O1B ATP J . 5.14 12.92 2.56
O2B ATP J . 5.91 14.39 0.55
O3B ATP J . 3.78 12.93 0.58
PA ATP J . 2.48 14.75 2.61
O1A ATP J . 2.51 13.38 3.24
O2A ATP J . 1.38 14.63 1.56
O3A ATP J . 3.84 15.07 1.97
O5' ATP J . 2.13 15.74 3.83
C5' ATP J . 0.75 15.81 4.07
C4' ATP J . 0.39 15.90 5.52
O4' ATP J . -0.17 14.67 6.02
C3' ATP J . 1.38 16.47 6.51
O3' ATP J . 1.37 17.89 6.44
C2' ATP J . 0.89 15.86 7.83
O2' ATP J . -0.15 16.66 8.40
C1' ATP J . 0.29 14.53 7.39
N9 ATP J . 1.08 13.30 7.41
C8 ATP J . 1.90 12.85 6.40
N7 ATP J . 2.45 11.70 6.67
C5 ATP J . 1.96 11.37 7.91
C6 ATP J . 2.17 10.26 8.75
N6 ATP J . 3.00 9.22 8.34
N1 ATP J . 1.53 10.22 9.96
C2 ATP J . 0.71 11.25 10.34
N3 ATP J . 0.44 12.38 9.62
C4 ATP J . 1.09 12.37 8.41
PG ATP K . 1.02 10.62 35.54
O1G ATP K . 2.24 11.21 34.81
O2G ATP K . 0.26 9.68 34.62
O3G ATP K . 1.37 9.91 36.82
PB ATP K . -1.04 12.62 35.52
O1B ATP K . -1.38 13.66 36.61
O2B ATP K . -2.14 11.51 35.36
O3B ATP K . 0.28 11.95 35.98
PA ATP K . -0.74 12.59 32.75
O1A ATP K . -1.17 11.10 32.88
O2A ATP K . 0.73 12.53 32.33
O3A ATP K . -0.99 13.36 34.09
O5' ATP K . -1.67 13.25 31.61
C5' ATP K . -1.14 14.12 30.61
C4' ATP K . -2.20 14.36 29.52
O4' ATP K . -2.51 13.11 28.81
C3' ATP K . -3.52 14.86 30.08
O3' ATP K . -3.51 16.23 30.34
C2' ATP K . -4.50 14.45 28.99
O2' ATP K . -4.48 15.40 27.89
C1' ATP K . -3.93 13.09 28.57
N9 ATP K . -4.51 11.94 29.23
C8 ATP K . -4.13 11.36 30.42
N7 ATP K . -4.84 10.31 30.71
C5 ATP K . -5.76 10.21 29.69
C6 ATP K . -6.82 9.29 29.43
N6 ATP K . -7.10 8.26 30.27
N1 ATP K . -7.58 9.45 28.29
C2 ATP K . -7.28 10.48 27.45
N3 ATP K . -6.29 11.40 27.59
C4 ATP K . -5.57 11.21 28.74
PG ATP L . -29.13 13.81 15.80
O1G ATP L . -29.40 15.26 15.37
O2G ATP L . -29.63 13.60 17.22
O3G ATP L . -29.84 12.82 14.87
PB ATP L . -26.42 14.41 16.54
O1B ATP L . -26.80 14.71 18.04
O2B ATP L . -25.12 13.60 16.47
O3B ATP L . -27.57 13.51 15.85
PA ATP L . -25.56 15.69 14.35
O1A ATP L . -25.99 16.96 13.57
O2A ATP L . -26.00 14.45 13.54
O3A ATP L . -26.24 15.70 15.73
O5' ATP L . -23.96 15.69 14.63
C5' ATP L . -23.35 16.27 15.81
C4' ATP L . -21.83 16.34 15.56
O4' ATP L . -21.26 14.99 15.53
C3' ATP L . -21.48 16.93 14.18
O3' ATP L . -21.54 18.37 14.08
C2' ATP L . -20.13 16.26 13.83
O2' ATP L . -19.04 16.96 14.45
C1' ATP L . -20.29 14.90 14.47
N9 ATP L . -20.75 13.92 13.51
C8 ATP L . -22.05 13.54 13.13
N7 ATP L . -22.04 12.54 12.22
C5 ATP L . -20.70 12.28 12.00
C6 ATP L . -19.98 11.35 11.15
N6 ATP L . -20.60 10.45 10.32
N1 ATP L . -18.60 11.39 11.18
C2 ATP L . -17.97 12.27 12.00
N3 ATP L . -18.54 13.16 12.85
C4 ATP L . -19.89 13.13 12.79
#